data_3AVV
#
_entry.id   3AVV
#
_cell.length_a   138.990
_cell.length_b   255.090
_cell.length_c   101.060
_cell.angle_alpha   90.00
_cell.angle_beta   90.00
_cell.angle_gamma   90.00
#
_symmetry.space_group_name_H-M   'C 2 2 21'
#
loop_
_entity.id
_entity.type
_entity.pdbx_description
1 polymer 'Elongation factor Ts, Elongation factor Tu, LINKER, Q beta replicase'
2 polymer "RNA (5'-R(*GP*GP*GP*UP*CP*CP*AP*U)-3')"
3 polymer "RNA (5'-R(*AP*AP*CP*GP*AP*UP*GP*GP*AP*CP*CP*CP*A)-3')"
4 non-polymer 'CALCIUM ION'
5 water water
#
loop_
_entity_poly.entity_id
_entity_poly.type
_entity_poly.pdbx_seq_one_letter_code
_entity_poly.pdbx_strand_id
1 'polypeptide(L)'
;MAEITASLVKELRERTGAGMMDCKKALTEANGDIELAIENMRKSGAIKAAKKAGNVAADGVIKTKIDGNYGIILEVNCQT
DFVAKDAGFQAFADKVLDAAVAGKITDVEVLKAQFEEERVALVAKIGENINIRRVAALEGDVLGSYQHGARIGVLVAAKG
ADEELVKHIAMHVAASKPEFIKPEDVSAEVVEKEYQVQLDIAMQSGKPKEIAEKMVEGRMKKFTGEVSLTGQPFVMEPSK
TVGQLLKEHNAEVTGFIRFEVGEGIEKVETDFAAEVAAMSKQSHMSKEKFERTKPHVNVGTIGHVDHGKTTLTAAITTVL
AKTYGGAARAFDQIDNAPEEKARGITINTSHVEYDTPTRHYAHVDCPGHADYVKNMITGAAQMDGAILVVAATDGPMPQT
REHILLGRQVGVPYIIVFLNKCDMVDDEELLELVEMEVRELLSQYDFPGDDTPIVRGSALKALEGDAEWEAKILELAGFL
DSYIPEPERAIDKPFLLPIEDVFSISGRGTVVTGRVERGIIKVGEEVEIVGIKETQKSTCTGVEMFRKLLDEGRAGENVG
VLLRGIKREEIERGQVLAKPGTIKPHTKFESEVYILSKDEGGRHTPFFKGYRPQFYFRTTDVTGTIELPEGVEMVMPGDN
IKMVVTLIHPIAMDDGLRFAIREGGRTVGAGVVAKVLSGASGAAGGGGSGGGGSMSKTASSRNSLSAQLRRAANTRIEVE
GNLALSIANDLLLAYGQSPFNSEAECISFSPRFDGTPDDFRINYLKAEIMSKYDDFSLGIDTEAVAWEKFLAAEAECALT
NARLYRPDYSEDFNFSLGESCIHMARRKIAKLIGDVPSVEGMLRHCRFSGGATTTNNRSYGHPSFKFALPQACTPRALKY
VLALRASTHFDIRISDISPFNKAVTVPKNSKTDRCIAIEPGWNMFFQLGIGGILRDRLRCWGIDLNDQTINQRRAHEGSV
TNNLATVDLSAASDSISLALCELLLPPGWFEVLMDLRSPKGRLPDGSVVTYEKISSMGNGYTFELESLIFASLARSVCEI
LDLDSSEVTVYGDDIILPSCAVPALREVFKYVGFTTNTKKTFSEGPFRESCGKHYYSGVDVTPFYIRHRIVSPADLILVL
NNLYRWATIDGVWDPRAHSVYLKYRKLLPKQLQRNTIPDGYGDGALVGSVLINPFAKNRGWIRYVPVITDHTRDRERAEL
GSYLYDLFSRCLSESNDGLPLRGPSGCDSADLFAIDQLICRSNPTKISRSTGKFDIQYIACSSRVLAPYGVFQGTKVASL
HEAHHHHHH
;
A
2 'polyribonucleotide' GGGUCCAU G
3 'polyribonucleotide' AACGAUGGACCCA T
#
loop_
_chem_comp.id
_chem_comp.type
_chem_comp.name
_chem_comp.formula
A RNA linking ADENOSINE-5'-MONOPHOSPHATE 'C10 H14 N5 O7 P'
C RNA linking CYTIDINE-5'-MONOPHOSPHATE 'C9 H14 N3 O8 P'
CA non-polymer 'CALCIUM ION' 'Ca 2'
G RNA linking GUANOSINE-5'-MONOPHOSPHATE 'C10 H14 N5 O8 P'
U RNA linking URIDINE-5'-MONOPHOSPHATE 'C9 H13 N2 O9 P'
#
# COMPACT_ATOMS: atom_id res chain seq x y z
N ALA A 2 46.43 -34.48 -6.25
CA ALA A 2 47.78 -33.94 -6.27
C ALA A 2 48.60 -34.47 -7.44
N GLU A 3 48.60 -33.75 -8.56
CA GLU A 3 49.14 -34.27 -9.83
C GLU A 3 50.48 -33.66 -10.27
N ILE A 4 50.45 -32.51 -10.95
CA ILE A 4 51.68 -31.83 -11.39
C ILE A 4 52.28 -30.98 -10.27
N THR A 5 52.23 -29.66 -10.46
CA THR A 5 52.81 -28.71 -9.50
C THR A 5 51.76 -27.74 -8.91
N ALA A 6 52.19 -26.88 -7.98
CA ALA A 6 51.30 -25.96 -7.28
C ALA A 6 51.72 -24.50 -7.40
N SER A 7 52.92 -24.19 -6.90
CA SER A 7 53.49 -22.84 -6.95
C SER A 7 53.32 -22.18 -8.33
N LEU A 8 54.01 -22.71 -9.33
CA LEU A 8 53.98 -22.14 -10.68
C LEU A 8 52.70 -22.53 -11.45
N VAL A 9 51.58 -22.56 -10.73
CA VAL A 9 50.25 -22.64 -11.33
C VAL A 9 49.54 -21.33 -11.01
N LYS A 10 49.93 -20.73 -9.89
CA LYS A 10 49.48 -19.41 -9.54
C LYS A 10 49.90 -18.54 -10.71
N GLU A 11 51.09 -18.80 -11.21
CA GLU A 11 51.60 -17.97 -12.29
C GLU A 11 50.66 -18.10 -13.48
N LEU A 12 50.00 -19.25 -13.61
CA LEU A 12 49.07 -19.46 -14.72
C LEU A 12 47.74 -18.78 -14.43
N ARG A 13 47.40 -18.70 -13.15
CA ARG A 13 46.21 -17.98 -12.74
C ARG A 13 46.45 -16.48 -12.89
N GLU A 14 47.35 -15.94 -12.06
CA GLU A 14 47.58 -14.50 -12.04
C GLU A 14 48.31 -14.03 -13.30
N ARG A 15 47.93 -14.58 -14.44
CA ARG A 15 48.43 -14.15 -15.74
C ARG A 15 47.26 -13.84 -16.67
N THR A 16 46.34 -14.81 -16.80
CA THR A 16 45.09 -14.59 -17.53
C THR A 16 43.97 -14.25 -16.56
N GLY A 17 43.94 -14.98 -15.44
CA GLY A 17 42.94 -14.77 -14.41
C GLY A 17 41.82 -15.76 -14.56
N ALA A 18 42.14 -16.91 -15.14
CA ALA A 18 41.17 -17.96 -15.38
C ALA A 18 41.07 -18.87 -14.19
N GLY A 19 40.00 -19.63 -14.10
CA GLY A 19 39.75 -20.51 -12.97
C GLY A 19 40.96 -21.33 -12.57
N MET A 20 41.08 -21.62 -11.29
CA MET A 20 42.24 -22.34 -10.76
C MET A 20 42.44 -23.71 -11.42
N MET A 21 41.48 -24.61 -11.25
CA MET A 21 41.58 -25.95 -11.84
C MET A 21 41.59 -25.86 -13.35
N ASP A 22 40.90 -24.86 -13.88
CA ASP A 22 41.03 -24.55 -15.29
C ASP A 22 42.49 -24.21 -15.62
N CYS A 23 43.35 -24.26 -14.62
CA CYS A 23 44.77 -23.97 -14.82
C CYS A 23 45.68 -25.15 -14.50
N LYS A 24 45.47 -25.79 -13.37
CA LYS A 24 46.21 -26.99 -13.02
C LYS A 24 45.90 -28.10 -14.03
N LYS A 25 44.72 -28.06 -14.64
CA LYS A 25 44.33 -29.07 -15.63
C LYS A 25 44.74 -28.67 -17.04
N ALA A 26 45.07 -27.39 -17.23
CA ALA A 26 45.63 -26.93 -18.49
C ALA A 26 47.14 -27.03 -18.40
N LEU A 27 47.59 -27.62 -17.30
CA LEU A 27 48.99 -28.02 -17.11
C LEU A 27 49.01 -29.55 -17.03
N THR A 28 47.84 -30.12 -16.77
CA THR A 28 47.67 -31.57 -16.75
C THR A 28 47.54 -32.07 -18.19
N GLU A 29 47.72 -31.17 -19.15
CA GLU A 29 47.67 -31.50 -20.57
C GLU A 29 48.72 -30.74 -21.38
N ALA A 30 49.71 -30.18 -20.68
CA ALA A 30 50.76 -29.41 -21.35
C ALA A 30 52.17 -29.72 -20.83
N ASN A 31 52.37 -30.96 -20.35
CA ASN A 31 53.67 -31.43 -19.85
C ASN A 31 54.35 -30.48 -18.87
N GLY A 32 53.67 -29.37 -18.57
CA GLY A 32 54.22 -28.31 -17.76
C GLY A 32 54.74 -27.14 -18.58
N ASP A 33 53.98 -26.72 -19.58
CA ASP A 33 54.42 -25.63 -20.45
C ASP A 33 53.77 -24.31 -20.09
N ILE A 34 54.55 -23.46 -19.42
CA ILE A 34 54.10 -22.20 -18.86
C ILE A 34 53.38 -21.28 -19.87
N GLU A 35 53.91 -21.24 -21.09
CA GLU A 35 53.40 -20.34 -22.12
C GLU A 35 52.44 -21.05 -23.08
N LEU A 36 52.46 -22.39 -23.06
CA LEU A 36 51.51 -23.16 -23.84
C LEU A 36 50.17 -23.09 -23.12
N ALA A 37 50.24 -23.27 -21.81
CA ALA A 37 49.06 -23.15 -20.95
C ALA A 37 48.14 -22.02 -21.38
N ILE A 38 48.72 -20.86 -21.70
CA ILE A 38 47.93 -19.70 -22.09
C ILE A 38 47.12 -19.95 -23.37
N GLU A 39 47.76 -20.58 -24.36
CA GLU A 39 47.12 -20.79 -25.67
C GLU A 39 46.00 -21.80 -25.60
N ASN A 40 46.28 -22.93 -24.97
CA ASN A 40 45.30 -24.00 -24.85
C ASN A 40 44.02 -23.50 -24.22
N MET A 41 44.15 -22.49 -23.37
CA MET A 41 43.01 -21.90 -22.68
C MET A 41 42.37 -20.84 -23.56
N ARG A 42 43.14 -20.33 -24.52
CA ARG A 42 42.62 -19.38 -25.48
C ARG A 42 41.50 -20.02 -26.26
N LYS A 43 41.87 -20.87 -27.21
CA LYS A 43 40.92 -21.52 -28.11
C LYS A 43 40.02 -22.53 -27.39
N SER A 44 40.05 -22.53 -26.05
CA SER A 44 39.20 -23.42 -25.29
C SER A 44 38.25 -22.64 -24.37
N GLY A 45 38.26 -21.32 -24.52
CA GLY A 45 37.44 -20.45 -23.67
C GLY A 45 36.13 -20.12 -24.33
N ALA A 46 36.11 -20.20 -25.66
CA ALA A 46 34.90 -19.90 -26.41
C ALA A 46 33.86 -21.03 -26.34
N ILE A 47 34.29 -22.26 -26.01
CA ILE A 47 33.35 -23.34 -25.73
C ILE A 47 32.62 -23.04 -24.43
N LYS A 48 33.33 -22.36 -23.54
CA LYS A 48 32.81 -21.86 -22.28
C LYS A 48 31.75 -20.82 -22.60
N ALA A 49 32.22 -19.69 -23.14
CA ALA A 49 31.42 -18.48 -23.36
C ALA A 49 30.16 -18.68 -24.20
N ALA A 50 30.20 -19.65 -25.11
CA ALA A 50 29.09 -19.87 -26.03
C ALA A 50 28.10 -20.95 -25.56
N LYS A 51 28.51 -21.77 -24.58
CA LYS A 51 27.54 -22.59 -23.85
C LYS A 51 27.23 -21.83 -22.56
N LYS A 52 27.62 -20.57 -22.56
CA LYS A 52 27.29 -19.64 -21.50
C LYS A 52 26.02 -18.86 -21.88
N ALA A 53 25.77 -18.73 -23.18
CA ALA A 53 24.60 -17.98 -23.69
C ALA A 53 23.25 -18.45 -23.12
N GLY A 54 23.27 -19.43 -22.22
CA GLY A 54 22.07 -19.93 -21.60
C GLY A 54 21.73 -19.17 -20.33
N ASN A 55 22.67 -18.31 -19.94
CA ASN A 55 22.46 -17.38 -18.85
C ASN A 55 22.03 -16.05 -19.44
N VAL A 56 20.79 -15.66 -19.18
CA VAL A 56 20.29 -14.37 -19.64
C VAL A 56 21.18 -13.20 -19.20
N ALA A 57 21.47 -12.30 -20.13
CA ALA A 57 22.18 -11.05 -19.82
C ALA A 57 21.20 -9.93 -19.47
N ALA A 58 20.86 -9.80 -18.19
CA ALA A 58 19.85 -8.85 -17.75
C ALA A 58 20.41 -7.49 -17.35
N ASP A 59 21.45 -7.49 -16.51
CA ASP A 59 22.03 -6.25 -15.98
C ASP A 59 23.16 -5.72 -16.87
N GLY A 60 23.85 -4.66 -16.44
CA GLY A 60 24.97 -4.15 -17.22
C GLY A 60 25.10 -2.63 -17.19
N VAL A 61 25.84 -2.08 -18.16
CA VAL A 61 25.99 -0.62 -18.25
C VAL A 61 25.68 -0.07 -19.64
N ILE A 62 25.29 1.21 -19.69
CA ILE A 62 25.04 1.91 -20.94
C ILE A 62 25.92 3.13 -21.02
N LYS A 63 26.66 3.25 -22.12
CA LYS A 63 27.72 4.25 -22.20
C LYS A 63 27.41 5.32 -23.22
N THR A 64 28.00 6.50 -23.03
CA THR A 64 27.86 7.59 -23.97
C THR A 64 29.16 8.38 -24.10
N LYS A 65 29.48 8.79 -25.34
CA LYS A 65 30.65 9.63 -25.66
C LYS A 65 30.29 10.79 -26.59
N ILE A 66 30.94 11.93 -26.38
CA ILE A 66 30.59 13.17 -27.09
C ILE A 66 31.80 13.95 -27.66
N ASP A 67 31.84 14.06 -28.98
CA ASP A 67 32.97 14.66 -29.71
C ASP A 67 32.52 15.79 -30.62
N GLY A 68 32.87 17.03 -30.27
CA GLY A 68 32.40 18.18 -31.02
C GLY A 68 30.91 18.10 -31.16
N ASN A 69 30.46 17.39 -32.20
CA ASN A 69 29.05 17.10 -32.35
C ASN A 69 28.76 15.70 -32.91
N TYR A 70 29.61 14.75 -32.53
CA TYR A 70 29.31 13.33 -32.74
C TYR A 70 29.16 12.65 -31.37
N GLY A 71 28.02 12.01 -31.15
CA GLY A 71 27.80 11.28 -29.91
C GLY A 71 27.40 9.83 -30.14
N ILE A 72 27.69 8.98 -29.18
CA ILE A 72 27.35 7.56 -29.29
C ILE A 72 26.93 6.96 -27.94
N ILE A 73 25.79 6.27 -27.92
CA ILE A 73 25.26 5.68 -26.70
C ILE A 73 25.32 4.14 -26.72
N LEU A 74 26.35 3.58 -26.12
CA LEU A 74 26.54 2.13 -26.10
C LEU A 74 25.65 1.48 -25.03
N GLU A 75 25.46 0.17 -25.14
CA GLU A 75 24.56 -0.54 -24.24
C GLU A 75 24.97 -2.01 -24.09
N VAL A 76 26.25 -2.21 -23.87
CA VAL A 76 26.79 -3.52 -23.53
C VAL A 76 26.26 -3.93 -22.16
N ASN A 77 25.94 -5.20 -21.99
CA ASN A 77 25.45 -5.65 -20.71
C ASN A 77 25.84 -7.07 -20.34
N CYS A 78 25.95 -7.31 -19.05
CA CYS A 78 26.29 -8.62 -18.48
C CYS A 78 25.05 -9.27 -17.90
N GLN A 79 25.14 -9.74 -16.65
CA GLN A 79 24.01 -10.37 -16.01
C GLN A 79 23.97 -10.18 -14.50
N THR A 80 24.72 -9.18 -14.00
CA THR A 80 24.74 -8.88 -12.57
C THR A 80 25.18 -7.46 -12.25
N ASP A 81 24.49 -6.83 -11.31
CA ASP A 81 24.95 -5.59 -10.71
C ASP A 81 26.46 -5.65 -10.47
N PHE A 82 26.90 -6.76 -9.89
CA PHE A 82 28.28 -6.88 -9.41
C PHE A 82 29.31 -6.90 -10.54
N VAL A 83 28.92 -7.44 -11.69
CA VAL A 83 29.80 -7.37 -12.86
C VAL A 83 29.74 -5.98 -13.48
N ALA A 84 28.53 -5.46 -13.65
CA ALA A 84 28.32 -4.18 -14.32
C ALA A 84 29.01 -3.00 -13.64
N LYS A 85 29.61 -3.23 -12.47
CA LYS A 85 30.32 -2.15 -11.77
C LYS A 85 31.77 -2.52 -11.44
N ASP A 86 32.21 -3.64 -12.00
CA ASP A 86 33.53 -4.18 -11.75
C ASP A 86 34.66 -3.29 -12.28
N ALA A 87 35.88 -3.57 -11.83
CA ALA A 87 37.06 -2.94 -12.39
C ALA A 87 37.19 -3.37 -13.85
N GLY A 88 37.03 -4.67 -14.08
CA GLY A 88 37.23 -5.28 -15.38
C GLY A 88 36.15 -5.04 -16.41
N PHE A 89 34.89 -5.17 -16.02
CA PHE A 89 33.78 -4.92 -16.94
C PHE A 89 33.76 -3.45 -17.35
N GLN A 90 34.48 -2.62 -16.63
CA GLN A 90 34.65 -1.25 -17.07
C GLN A 90 35.65 -1.21 -18.21
N ALA A 91 36.83 -1.77 -18.00
CA ALA A 91 37.87 -1.82 -19.03
C ALA A 91 37.32 -2.15 -20.42
N PHE A 92 36.64 -3.29 -20.53
CA PHE A 92 36.09 -3.76 -21.80
C PHE A 92 35.09 -2.75 -22.36
N ALA A 93 33.90 -2.70 -21.77
CA ALA A 93 32.81 -1.90 -22.29
C ALA A 93 33.06 -0.40 -22.23
N ASP A 94 34.27 -0.03 -21.82
CA ASP A 94 34.74 1.35 -21.86
C ASP A 94 35.64 1.53 -23.07
N LYS A 95 36.43 0.50 -23.39
CA LYS A 95 37.30 0.53 -24.54
C LYS A 95 36.50 0.30 -25.82
N VAL A 96 35.47 -0.53 -25.73
CA VAL A 96 34.58 -0.79 -26.86
C VAL A 96 33.78 0.46 -27.21
N LEU A 97 33.71 1.38 -26.26
CA LEU A 97 32.97 2.61 -26.47
C LEU A 97 33.79 3.58 -27.31
N ASP A 98 35.11 3.42 -27.29
CA ASP A 98 36.01 4.28 -28.07
C ASP A 98 36.30 3.69 -29.45
N ALA A 99 35.87 2.46 -29.67
CA ALA A 99 36.00 1.82 -30.98
C ALA A 99 34.83 2.25 -31.85
N ALA A 100 33.78 2.77 -31.20
CA ALA A 100 32.62 3.34 -31.89
C ALA A 100 32.79 4.86 -32.08
N VAL A 101 33.46 5.50 -31.13
CA VAL A 101 33.77 6.91 -31.23
C VAL A 101 34.61 7.18 -32.48
N ALA A 102 35.94 7.21 -32.33
CA ALA A 102 36.86 7.50 -33.42
C ALA A 102 36.31 6.92 -34.72
N GLY A 103 36.52 5.63 -34.93
CA GLY A 103 35.83 4.94 -35.99
C GLY A 103 34.35 4.88 -35.63
N LYS A 104 33.54 5.71 -36.30
CA LYS A 104 32.10 5.72 -36.06
C LYS A 104 31.41 4.45 -36.57
N ILE A 105 31.05 3.56 -35.64
CA ILE A 105 30.50 2.26 -35.98
C ILE A 105 29.03 2.13 -35.60
N THR A 106 28.14 2.86 -36.25
CA THR A 106 26.72 2.78 -35.91
C THR A 106 26.16 1.39 -36.20
N ASP A 107 27.01 0.50 -36.73
CA ASP A 107 26.62 -0.87 -37.04
C ASP A 107 26.95 -1.74 -35.84
N VAL A 108 25.98 -2.54 -35.40
CA VAL A 108 26.14 -3.34 -34.18
C VAL A 108 27.05 -4.57 -34.34
N GLU A 109 27.00 -5.20 -35.51
CA GLU A 109 27.75 -6.43 -35.78
C GLU A 109 29.24 -6.16 -35.90
N VAL A 110 29.57 -4.96 -36.37
CA VAL A 110 30.97 -4.59 -36.66
C VAL A 110 31.86 -4.54 -35.40
N LEU A 111 31.31 -4.07 -34.28
CA LEU A 111 32.10 -4.05 -33.05
C LEU A 111 31.98 -5.36 -32.28
N LYS A 112 30.81 -6.00 -32.38
CA LYS A 112 30.61 -7.33 -31.80
C LYS A 112 31.44 -8.35 -32.59
N ALA A 113 32.52 -7.85 -33.20
CA ALA A 113 33.38 -8.65 -34.06
C ALA A 113 34.86 -8.39 -33.81
N GLN A 114 35.27 -7.12 -33.81
CA GLN A 114 36.68 -6.80 -33.57
C GLN A 114 37.03 -7.10 -32.12
N PHE A 115 36.03 -7.49 -31.34
CA PHE A 115 36.20 -7.70 -29.90
C PHE A 115 35.89 -9.12 -29.41
N GLU A 116 35.19 -9.92 -30.20
CA GLU A 116 34.78 -11.26 -29.76
C GLU A 116 35.96 -12.10 -29.25
N GLU A 117 37.16 -11.64 -29.54
CA GLU A 117 38.38 -12.25 -29.03
C GLU A 117 38.47 -12.01 -27.53
N GLU A 118 38.18 -10.76 -27.16
CA GLU A 118 38.32 -10.26 -25.81
C GLU A 118 37.04 -10.50 -25.03
N ARG A 119 35.92 -10.57 -25.73
CA ARG A 119 34.63 -10.85 -25.11
C ARG A 119 34.64 -12.24 -24.47
N VAL A 120 35.75 -12.96 -24.65
CA VAL A 120 35.96 -14.26 -24.01
C VAL A 120 37.16 -14.25 -23.06
N ALA A 121 38.03 -13.25 -23.23
CA ALA A 121 39.14 -12.99 -22.30
C ALA A 121 38.61 -12.46 -20.97
N LEU A 122 37.29 -12.32 -20.91
CA LEU A 122 36.58 -11.93 -19.70
C LEU A 122 35.74 -13.09 -19.21
N VAL A 123 34.77 -13.50 -20.02
CA VAL A 123 33.84 -14.53 -19.59
C VAL A 123 34.63 -15.69 -19.00
N ALA A 124 35.79 -15.95 -19.57
CA ALA A 124 36.66 -17.00 -19.07
C ALA A 124 37.15 -16.63 -17.68
N LYS A 125 37.62 -15.41 -17.55
CA LYS A 125 38.07 -14.88 -16.27
C LYS A 125 36.92 -14.68 -15.26
N ILE A 126 35.72 -14.34 -15.77
CA ILE A 126 34.55 -14.02 -14.91
C ILE A 126 33.53 -15.14 -14.73
N GLY A 127 32.68 -15.35 -15.73
CA GLY A 127 31.68 -16.40 -15.65
C GLY A 127 30.24 -15.91 -15.75
N GLU A 128 30.00 -14.96 -16.64
CA GLU A 128 28.66 -14.48 -16.96
C GLU A 128 28.54 -14.19 -18.46
N ASN A 129 27.40 -14.48 -19.07
CA ASN A 129 27.26 -14.23 -20.50
C ASN A 129 27.27 -12.73 -20.79
N ILE A 130 28.43 -12.16 -21.10
CA ILE A 130 28.46 -10.76 -21.53
C ILE A 130 28.32 -10.56 -23.04
N ASN A 131 27.10 -10.27 -23.45
CA ASN A 131 26.76 -10.02 -24.85
C ASN A 131 26.65 -8.52 -25.12
N ILE A 132 27.59 -7.97 -25.89
CA ILE A 132 27.52 -6.56 -26.28
C ILE A 132 26.25 -6.33 -27.09
N ARG A 133 25.27 -5.66 -26.50
CA ARG A 133 23.93 -5.61 -27.08
C ARG A 133 23.79 -4.59 -28.20
N ARG A 134 23.27 -3.40 -27.89
CA ARG A 134 22.95 -2.43 -28.95
C ARG A 134 23.81 -1.16 -28.98
N VAL A 135 24.18 -0.76 -30.19
CA VAL A 135 24.92 0.49 -30.39
C VAL A 135 24.23 1.28 -31.51
N ALA A 136 24.43 2.60 -31.48
CA ALA A 136 23.85 3.50 -32.46
C ALA A 136 24.25 4.91 -32.06
N ALA A 137 24.39 5.81 -33.03
CA ALA A 137 24.89 7.15 -32.74
C ALA A 137 24.07 8.28 -33.37
N LEU A 138 24.13 9.44 -32.71
CA LEU A 138 23.31 10.60 -33.09
C LEU A 138 24.14 11.79 -33.59
N GLU A 139 24.03 12.04 -34.89
CA GLU A 139 24.63 13.21 -35.53
C GLU A 139 23.80 14.46 -35.22
N GLY A 140 24.37 15.38 -34.44
CA GLY A 140 23.71 16.64 -34.16
C GLY A 140 24.62 17.83 -34.37
N ASP A 141 24.05 19.03 -34.45
CA ASP A 141 24.85 20.25 -34.58
C ASP A 141 25.23 20.78 -33.20
N VAL A 142 24.26 20.83 -32.30
CA VAL A 142 24.55 20.91 -30.86
C VAL A 142 23.74 19.87 -30.08
N LEU A 143 24.43 18.84 -29.59
CA LEU A 143 23.81 17.75 -28.83
C LEU A 143 24.51 17.51 -27.48
N GLY A 144 23.74 17.05 -26.50
CA GLY A 144 24.25 16.75 -25.17
C GLY A 144 23.69 15.45 -24.63
N SER A 145 24.35 14.90 -23.60
CA SER A 145 23.95 13.63 -22.99
C SER A 145 23.88 13.67 -21.46
N TYR A 146 22.86 13.03 -20.91
CA TYR A 146 22.74 12.85 -19.47
C TYR A 146 23.03 11.41 -19.07
N GLN A 147 23.90 11.26 -18.07
CA GLN A 147 24.36 9.96 -17.64
C GLN A 147 23.88 9.64 -16.23
N HIS A 148 22.90 8.75 -16.14
CA HIS A 148 22.23 8.40 -14.87
C HIS A 148 22.80 7.08 -14.35
N GLY A 149 23.70 7.18 -13.37
CA GLY A 149 24.45 6.04 -12.86
C GLY A 149 25.29 5.33 -13.90
N ALA A 150 24.62 4.52 -14.71
CA ALA A 150 25.19 3.77 -15.80
C ALA A 150 24.06 2.84 -16.17
N ARG A 151 22.87 3.21 -15.74
CA ARG A 151 21.71 2.35 -15.87
C ARG A 151 20.81 2.83 -16.99
N ILE A 152 20.68 4.15 -17.11
CA ILE A 152 19.82 4.73 -18.14
C ILE A 152 20.62 5.85 -18.81
N GLY A 153 20.74 5.79 -20.14
CA GLY A 153 21.52 6.75 -20.89
C GLY A 153 20.72 7.42 -22.00
N VAL A 154 20.85 8.73 -22.12
CA VAL A 154 20.10 9.47 -23.14
C VAL A 154 20.98 10.39 -23.94
N LEU A 155 20.53 10.65 -25.16
CA LEU A 155 21.33 11.30 -26.17
C LEU A 155 20.39 12.21 -26.94
N VAL A 156 20.56 13.52 -26.77
CA VAL A 156 19.66 14.48 -27.37
C VAL A 156 20.37 15.52 -28.23
N ALA A 157 20.29 15.36 -29.53
CA ALA A 157 20.84 16.33 -30.44
C ALA A 157 19.80 17.40 -30.72
N ALA A 158 20.24 18.65 -30.67
CA ALA A 158 19.35 19.77 -30.91
C ALA A 158 19.99 20.83 -31.80
N LYS A 159 19.80 22.09 -31.44
CA LYS A 159 20.12 23.19 -32.33
C LYS A 159 19.79 24.55 -31.71
N GLY A 160 20.80 25.41 -31.62
CA GLY A 160 20.61 26.74 -31.08
C GLY A 160 20.46 26.68 -29.57
N ALA A 161 20.52 25.46 -29.03
CA ALA A 161 20.44 25.26 -27.59
C ALA A 161 21.85 25.05 -27.02
N ASP A 162 22.10 25.67 -25.86
CA ASP A 162 23.40 25.54 -25.20
C ASP A 162 23.59 24.15 -24.58
N GLU A 163 24.58 24.02 -23.71
CA GLU A 163 24.75 22.79 -22.94
C GLU A 163 23.72 22.75 -21.83
N GLU A 164 23.59 23.88 -21.12
CA GLU A 164 22.61 24.02 -20.05
C GLU A 164 21.20 23.75 -20.58
N LEU A 165 21.09 23.45 -21.87
CA LEU A 165 19.81 23.01 -22.42
C LEU A 165 19.80 21.51 -22.65
N VAL A 166 20.54 21.03 -23.65
CA VAL A 166 20.56 19.59 -23.90
C VAL A 166 20.88 18.76 -22.66
N LYS A 167 21.60 19.32 -21.69
CA LYS A 167 21.72 18.64 -20.43
C LYS A 167 20.31 18.42 -19.93
N HIS A 168 19.63 19.49 -19.52
CA HIS A 168 18.26 19.42 -19.03
C HIS A 168 17.34 18.56 -19.90
N ILE A 169 17.28 18.85 -21.19
CA ILE A 169 16.37 18.11 -22.07
C ILE A 169 16.89 16.71 -22.35
N ALA A 170 18.09 16.43 -21.85
CA ALA A 170 18.59 15.06 -21.85
C ALA A 170 18.13 14.42 -20.56
N MET A 171 18.02 15.25 -19.52
CA MET A 171 17.53 14.80 -18.22
C MET A 171 16.02 14.60 -18.26
N HIS A 172 15.33 15.43 -19.03
CA HIS A 172 13.92 15.18 -19.23
C HIS A 172 13.73 13.87 -19.95
N VAL A 173 14.57 13.62 -20.96
CA VAL A 173 14.50 12.37 -21.73
C VAL A 173 14.88 11.14 -20.90
N ALA A 174 15.63 11.37 -19.82
CA ALA A 174 16.08 10.30 -18.95
C ALA A 174 15.10 10.08 -17.79
N ALA A 175 14.02 10.85 -17.78
CA ALA A 175 13.05 10.74 -16.71
C ALA A 175 11.64 10.86 -17.24
N SER A 176 11.46 10.52 -18.52
CA SER A 176 10.15 10.63 -19.13
C SER A 176 10.05 9.85 -20.44
N LYS A 177 10.97 8.91 -20.65
CA LYS A 177 10.91 7.94 -21.75
C LYS A 177 10.00 8.34 -22.92
N PRO A 178 10.35 9.42 -23.63
CA PRO A 178 9.53 9.90 -24.75
C PRO A 178 9.88 9.20 -26.08
N GLU A 179 9.04 8.26 -26.51
CA GLU A 179 9.37 7.46 -27.69
C GLU A 179 9.26 8.22 -29.01
N PHE A 180 8.99 9.53 -28.93
CA PHE A 180 8.83 10.36 -30.12
C PHE A 180 9.22 11.80 -29.88
N ILE A 181 9.53 12.53 -30.94
CA ILE A 181 10.06 13.87 -30.79
C ILE A 181 9.03 14.99 -31.05
N LYS A 182 8.01 14.69 -31.84
CA LYS A 182 7.00 15.69 -32.16
C LYS A 182 5.60 15.07 -32.21
N PRO A 183 4.58 15.81 -31.76
CA PRO A 183 3.25 15.21 -31.71
C PRO A 183 2.88 14.57 -33.05
N GLU A 184 3.50 15.01 -34.13
CA GLU A 184 3.11 14.58 -35.46
C GLU A 184 4.09 13.58 -36.05
N ASP A 185 4.61 12.71 -35.18
CA ASP A 185 5.61 11.72 -35.58
C ASP A 185 5.02 10.31 -35.71
N VAL A 186 3.73 10.16 -35.47
CA VAL A 186 3.15 8.82 -35.44
C VAL A 186 2.75 8.27 -36.82
N SER A 187 3.09 7.00 -37.04
CA SER A 187 2.72 6.30 -38.26
C SER A 187 1.24 5.95 -38.22
N ALA A 188 0.53 6.27 -39.30
CA ALA A 188 -0.90 5.98 -39.40
C ALA A 188 -1.23 4.50 -39.16
N GLU A 189 -0.23 3.72 -38.75
CA GLU A 189 -0.45 2.36 -38.29
C GLU A 189 -0.85 2.41 -36.82
N VAL A 190 0.06 2.84 -35.96
CA VAL A 190 -0.25 2.97 -34.53
C VAL A 190 -1.48 3.86 -34.34
N VAL A 191 -1.65 4.83 -35.23
CA VAL A 191 -2.74 5.82 -35.15
C VAL A 191 -4.08 5.34 -35.72
N GLU A 192 -4.06 4.51 -36.77
CA GLU A 192 -5.30 3.89 -37.25
C GLU A 192 -5.47 2.47 -36.68
N LYS A 193 -4.45 2.05 -35.93
CA LYS A 193 -4.58 0.94 -35.00
C LYS A 193 -5.48 1.41 -33.89
N GLU A 194 -4.91 2.25 -33.01
CA GLU A 194 -5.56 2.69 -31.78
C GLU A 194 -6.76 3.66 -31.93
N TYR A 195 -7.07 4.07 -33.16
CA TYR A 195 -8.25 4.92 -33.41
C TYR A 195 -9.39 4.21 -34.15
N GLN A 196 -9.08 3.09 -34.81
CA GLN A 196 -10.13 2.28 -35.44
C GLN A 196 -10.29 0.94 -34.68
N VAL A 197 -9.50 0.77 -33.63
CA VAL A 197 -9.66 -0.33 -32.66
C VAL A 197 -10.52 0.12 -31.49
N GLN A 198 -10.16 1.27 -30.92
CA GLN A 198 -10.85 1.86 -29.78
C GLN A 198 -11.88 2.88 -30.28
N LEU A 199 -12.53 2.55 -31.40
CA LEU A 199 -13.68 3.31 -31.90
C LEU A 199 -14.95 2.54 -31.54
N ASP A 200 -14.94 1.23 -31.78
CA ASP A 200 -16.08 0.42 -31.35
C ASP A 200 -16.19 0.50 -29.83
N ILE A 201 -15.05 0.56 -29.13
CA ILE A 201 -15.00 0.53 -27.66
C ILE A 201 -16.26 1.06 -26.96
N ALA A 202 -16.58 2.33 -27.21
CA ALA A 202 -17.83 2.93 -26.72
C ALA A 202 -18.84 3.23 -27.85
N MET A 203 -18.49 2.82 -29.07
CA MET A 203 -19.44 2.75 -30.20
C MET A 203 -20.34 1.54 -29.99
N GLN A 204 -19.76 0.51 -29.36
CA GLN A 204 -20.51 -0.63 -28.87
C GLN A 204 -21.26 -0.26 -27.58
N SER A 205 -20.59 0.49 -26.69
CA SER A 205 -21.20 1.10 -25.48
C SER A 205 -22.46 1.93 -25.80
N GLY A 206 -22.86 1.94 -27.08
CA GLY A 206 -23.96 2.75 -27.56
C GLY A 206 -23.49 4.07 -28.16
N LYS A 207 -22.73 4.82 -27.36
CA LYS A 207 -22.25 6.14 -27.75
C LYS A 207 -22.12 6.19 -29.27
N PRO A 208 -22.95 7.03 -29.94
CA PRO A 208 -22.99 7.20 -31.41
C PRO A 208 -21.73 7.79 -32.09
N LYS A 209 -21.79 7.86 -33.43
CA LYS A 209 -20.60 8.13 -34.27
C LYS A 209 -19.74 9.29 -33.76
N GLU A 210 -20.18 10.51 -34.03
CA GLU A 210 -19.42 11.71 -33.65
C GLU A 210 -18.90 11.66 -32.21
N ILE A 211 -19.63 10.97 -31.32
CA ILE A 211 -19.25 10.90 -29.92
C ILE A 211 -18.00 10.05 -29.74
N ALA A 212 -18.13 8.75 -29.93
CA ALA A 212 -16.97 7.89 -29.91
C ALA A 212 -15.90 8.45 -30.84
N GLU A 213 -16.32 8.99 -31.98
CA GLU A 213 -15.38 9.63 -32.89
C GLU A 213 -14.64 10.72 -32.12
N LYS A 214 -15.39 11.62 -31.47
CA LYS A 214 -14.79 12.76 -30.80
C LYS A 214 -14.00 12.37 -29.56
N MET A 215 -14.53 11.42 -28.81
CA MET A 215 -13.87 10.97 -27.62
C MET A 215 -12.55 10.31 -27.99
N VAL A 216 -12.64 9.25 -28.78
CA VAL A 216 -11.47 8.54 -29.25
C VAL A 216 -10.42 9.51 -29.74
N GLU A 217 -10.84 10.43 -30.59
CA GLU A 217 -9.94 11.34 -31.26
C GLU A 217 -9.25 12.20 -30.23
N GLY A 218 -10.05 12.84 -29.36
CA GLY A 218 -9.53 13.73 -28.36
C GLY A 218 -8.77 12.95 -27.30
N ARG A 219 -8.90 11.63 -27.40
CA ARG A 219 -8.17 10.72 -26.54
C ARG A 219 -6.80 10.43 -27.13
N MET A 220 -6.74 10.32 -28.46
CA MET A 220 -5.48 10.13 -29.15
C MET A 220 -4.67 11.42 -29.12
N LYS A 221 -5.36 12.55 -29.07
CA LYS A 221 -4.67 13.81 -28.82
C LYS A 221 -3.86 13.68 -27.54
N LYS A 222 -4.33 12.84 -26.61
CA LYS A 222 -3.60 12.55 -25.38
C LYS A 222 -2.58 11.42 -25.57
N PHE A 223 -3.06 10.26 -26.04
CA PHE A 223 -2.23 9.09 -26.37
C PHE A 223 -0.99 9.49 -27.18
N THR A 224 -0.95 10.75 -27.61
CA THR A 224 0.19 11.26 -28.36
C THR A 224 1.00 12.27 -27.56
N GLY A 225 0.39 13.42 -27.26
CA GLY A 225 1.07 14.44 -26.48
C GLY A 225 1.83 13.83 -25.32
N GLU A 226 1.31 12.72 -24.80
CA GLU A 226 1.89 12.01 -23.66
C GLU A 226 3.26 11.40 -23.98
N VAL A 227 3.30 10.60 -25.03
CA VAL A 227 4.50 9.88 -25.43
C VAL A 227 5.43 10.73 -26.30
N SER A 228 5.27 12.06 -26.25
CA SER A 228 5.98 12.89 -27.20
C SER A 228 6.63 14.11 -26.58
N LEU A 229 7.92 14.26 -26.83
CA LEU A 229 8.73 15.27 -26.17
C LEU A 229 8.04 16.63 -26.11
N THR A 230 7.29 16.95 -27.15
CA THR A 230 6.64 18.25 -27.25
C THR A 230 5.57 18.47 -26.18
N GLY A 231 4.49 17.70 -26.26
CA GLY A 231 3.37 17.83 -25.33
C GLY A 231 3.62 17.07 -24.05
N GLN A 232 4.87 17.11 -23.59
CA GLN A 232 5.30 16.38 -22.41
C GLN A 232 5.74 17.39 -21.35
N PRO A 233 4.94 17.53 -20.29
CA PRO A 233 5.29 18.51 -19.27
C PRO A 233 6.78 18.47 -18.99
N PHE A 234 7.42 19.64 -18.98
CA PHE A 234 8.83 19.71 -18.71
C PHE A 234 9.11 19.12 -17.35
N VAL A 235 10.25 18.46 -17.22
CA VAL A 235 10.60 17.75 -15.99
C VAL A 235 11.20 18.65 -14.91
N MET A 236 11.86 19.74 -15.31
CA MET A 236 12.48 20.65 -14.33
C MET A 236 11.60 21.87 -14.06
N GLU A 237 10.38 21.81 -14.58
CA GLU A 237 9.39 22.88 -14.46
C GLU A 237 8.14 22.42 -15.19
N PRO A 238 7.35 21.56 -14.54
CA PRO A 238 6.28 20.76 -15.12
C PRO A 238 5.09 21.61 -15.57
N SER A 239 5.22 22.93 -15.41
CA SER A 239 4.20 23.89 -15.80
C SER A 239 4.15 24.02 -17.33
N LYS A 240 5.33 24.16 -17.93
CA LYS A 240 5.43 24.24 -19.38
C LYS A 240 5.93 22.92 -19.96
N THR A 241 5.32 22.51 -21.07
CA THR A 241 5.75 21.30 -21.77
C THR A 241 7.07 21.57 -22.48
N VAL A 242 7.81 20.49 -22.78
CA VAL A 242 9.07 20.60 -23.53
C VAL A 242 8.90 21.39 -24.83
N GLY A 243 7.80 21.14 -25.54
CA GLY A 243 7.53 21.80 -26.80
C GLY A 243 7.20 23.28 -26.66
N GLN A 244 7.03 23.74 -25.43
CA GLN A 244 6.73 25.15 -25.18
C GLN A 244 7.89 25.76 -24.41
N LEU A 245 8.90 24.95 -24.16
CA LEU A 245 10.14 25.41 -23.57
C LEU A 245 11.12 25.43 -24.72
N LEU A 246 11.01 24.42 -25.56
CA LEU A 246 11.84 24.28 -26.74
C LEU A 246 11.56 25.39 -27.77
N LYS A 247 10.42 26.06 -27.63
CA LYS A 247 10.04 27.13 -28.54
C LYS A 247 10.43 28.48 -27.93
N GLU A 248 10.41 28.54 -26.60
CA GLU A 248 10.75 29.77 -25.89
C GLU A 248 12.24 30.04 -25.99
N HIS A 249 12.96 29.13 -26.64
CA HIS A 249 14.39 29.31 -26.79
C HIS A 249 14.82 29.21 -28.23
N ASN A 250 16.04 29.64 -28.47
CA ASN A 250 16.65 29.58 -29.78
C ASN A 250 17.00 28.15 -30.22
N ALA A 251 16.10 27.20 -29.95
CA ALA A 251 16.44 25.79 -30.15
C ALA A 251 15.33 24.90 -30.74
N GLU A 252 15.74 23.68 -31.07
CA GLU A 252 14.83 22.61 -31.52
C GLU A 252 15.54 21.24 -31.56
N VAL A 253 14.97 20.23 -30.91
CA VAL A 253 15.56 18.89 -30.90
C VAL A 253 15.48 18.24 -32.27
N THR A 254 16.62 17.90 -32.82
CA THR A 254 16.66 17.15 -34.05
C THR A 254 16.13 15.76 -33.78
N GLY A 255 16.68 15.14 -32.74
CA GLY A 255 16.32 13.79 -32.35
C GLY A 255 17.03 13.37 -31.07
N PHE A 256 16.70 12.17 -30.59
CA PHE A 256 17.28 11.64 -29.37
C PHE A 256 17.29 10.12 -29.34
N ILE A 257 18.34 9.56 -28.72
CA ILE A 257 18.43 8.13 -28.47
C ILE A 257 18.58 7.90 -26.97
N ARG A 258 17.80 6.95 -26.43
CA ARG A 258 17.84 6.64 -25.00
C ARG A 258 17.74 5.14 -24.72
N PHE A 259 18.80 4.59 -24.15
CA PHE A 259 18.88 3.16 -23.83
C PHE A 259 18.84 2.90 -22.32
N GLU A 260 18.13 1.85 -21.90
CA GLU A 260 18.06 1.47 -20.51
C GLU A 260 18.56 0.04 -20.26
N VAL A 261 19.72 -0.08 -19.61
CA VAL A 261 20.41 -1.35 -19.35
C VAL A 261 19.46 -2.51 -19.15
N GLY A 262 19.10 -3.17 -20.24
CA GLY A 262 18.21 -4.31 -20.18
C GLY A 262 16.72 -4.03 -20.29
N GLU A 263 16.30 -3.46 -21.43
CA GLU A 263 14.89 -3.40 -21.80
C GLU A 263 14.59 -4.53 -22.79
N GLY A 264 13.33 -4.91 -22.91
CA GLY A 264 12.95 -5.98 -23.82
C GLY A 264 13.32 -7.37 -23.34
N ILE A 265 14.53 -7.52 -22.80
CA ILE A 265 14.99 -8.77 -22.18
C ILE A 265 14.05 -9.23 -21.08
N GLU A 266 13.51 -10.43 -21.20
CA GLU A 266 12.48 -10.91 -20.28
C GLU A 266 12.93 -10.96 -18.81
N LYS A 267 13.92 -11.80 -18.53
CA LYS A 267 14.39 -12.05 -17.15
C LYS A 267 13.28 -12.60 -16.25
N VAL A 268 13.15 -13.93 -16.20
CA VAL A 268 12.10 -14.60 -15.44
C VAL A 268 12.46 -14.74 -13.94
N GLU A 269 11.51 -14.40 -13.07
CA GLU A 269 11.70 -14.29 -11.61
C GLU A 269 12.73 -15.23 -10.98
N THR A 270 13.38 -14.76 -9.92
CA THR A 270 14.45 -15.51 -9.25
C THR A 270 14.12 -15.76 -7.78
N ASP A 271 13.23 -16.72 -7.52
CA ASP A 271 12.77 -17.00 -6.16
C ASP A 271 13.89 -17.43 -5.20
N PHE A 272 13.53 -18.11 -4.12
CA PHE A 272 14.57 -18.73 -3.28
C PHE A 272 14.08 -19.95 -2.50
N ALA A 273 13.02 -19.78 -1.72
CA ALA A 273 12.46 -20.89 -0.94
C ALA A 273 12.14 -22.10 -1.82
N ALA A 274 11.11 -21.99 -2.66
CA ALA A 274 10.76 -23.09 -3.58
C ALA A 274 11.89 -23.35 -4.58
N GLU A 275 12.95 -22.56 -4.52
CA GLU A 275 14.18 -22.81 -5.28
C GLU A 275 15.09 -23.70 -4.48
N VAL A 276 15.26 -23.37 -3.21
CA VAL A 276 16.08 -24.19 -2.34
C VAL A 276 15.32 -25.43 -1.94
N ALA A 277 14.08 -25.25 -1.48
CA ALA A 277 13.25 -26.37 -1.05
C ALA A 277 13.14 -27.44 -2.14
N ALA A 278 13.18 -27.02 -3.40
CA ALA A 278 13.16 -27.93 -4.55
C ALA A 278 14.50 -28.65 -4.72
N MET A 279 15.50 -28.23 -3.95
CA MET A 279 16.80 -28.86 -3.92
C MET A 279 16.86 -29.74 -2.67
N SER A 280 16.23 -29.26 -1.60
CA SER A 280 16.26 -29.90 -0.29
C SER A 280 15.33 -31.11 -0.22
N LYS A 281 14.15 -30.98 -0.81
CA LYS A 281 13.18 -32.07 -0.87
C LYS A 281 13.39 -32.91 -2.15
N GLN A 282 14.66 -33.15 -2.47
CA GLN A 282 15.05 -34.04 -3.56
C GLN A 282 16.26 -34.82 -3.10
N SER A 283 16.97 -34.23 -2.14
CA SER A 283 18.07 -34.92 -1.47
C SER A 283 17.64 -35.41 -0.09
N HIS A 284 16.41 -35.08 0.31
CA HIS A 284 15.76 -35.72 1.45
C HIS A 284 15.57 -37.18 1.05
N MET A 285 15.82 -37.47 -0.22
CA MET A 285 15.62 -38.81 -0.80
C MET A 285 16.92 -39.60 -0.90
N SER A 286 17.78 -39.48 0.11
CA SER A 286 19.06 -40.17 0.15
C SER A 286 20.01 -39.69 -0.96
N PHE A 290 8.46 -24.38 23.88
CA PHE A 290 9.13 -24.57 25.16
C PHE A 290 10.28 -23.58 25.32
N GLU A 291 10.97 -23.31 24.22
CA GLU A 291 12.13 -22.42 24.25
C GLU A 291 12.08 -21.43 23.07
N ARG A 292 11.50 -20.26 23.31
CA ARG A 292 11.45 -19.18 22.32
C ARG A 292 12.39 -18.06 22.75
N THR A 293 13.19 -18.35 23.77
CA THR A 293 14.17 -17.40 24.25
C THR A 293 15.38 -17.40 23.31
N LYS A 294 15.25 -18.09 22.18
CA LYS A 294 16.29 -18.18 21.14
C LYS A 294 16.38 -16.91 20.30
N PRO A 295 17.56 -16.30 20.23
CA PRO A 295 17.75 -15.10 19.40
C PRO A 295 17.37 -15.33 17.94
N HIS A 296 17.02 -14.27 17.19
CA HIS A 296 16.83 -14.38 15.75
C HIS A 296 17.97 -13.62 15.06
N VAL A 297 18.90 -14.32 14.44
CA VAL A 297 20.01 -13.66 13.73
C VAL A 297 19.89 -13.68 12.22
N ASN A 298 19.75 -12.51 11.61
CA ASN A 298 19.58 -12.44 10.17
C ASN A 298 20.90 -12.60 9.45
N VAL A 299 20.98 -13.57 8.56
CA VAL A 299 22.19 -13.75 7.77
C VAL A 299 21.82 -13.84 6.31
N GLY A 300 22.74 -13.41 5.46
CA GLY A 300 22.54 -13.58 4.03
C GLY A 300 23.78 -14.15 3.37
N THR A 301 23.55 -15.02 2.38
CA THR A 301 24.66 -15.53 1.59
C THR A 301 24.91 -14.56 0.44
N ILE A 302 26.17 -14.19 0.25
CA ILE A 302 26.55 -13.33 -0.85
C ILE A 302 27.79 -13.91 -1.53
N GLY A 303 27.80 -13.92 -2.85
CA GLY A 303 28.89 -14.50 -3.60
C GLY A 303 28.65 -14.44 -5.10
N HIS A 304 29.29 -15.34 -5.85
CA HIS A 304 29.17 -15.39 -7.31
C HIS A 304 28.03 -16.26 -7.89
N VAL A 305 27.32 -15.71 -8.87
CA VAL A 305 26.08 -16.29 -9.40
C VAL A 305 26.20 -17.68 -9.99
N ASP A 306 27.04 -18.54 -9.40
CA ASP A 306 27.20 -19.87 -9.93
C ASP A 306 28.04 -20.77 -9.04
N HIS A 307 28.65 -20.21 -8.00
CA HIS A 307 29.34 -21.03 -7.01
C HIS A 307 28.31 -21.64 -6.07
N GLY A 308 27.10 -21.76 -6.60
CA GLY A 308 26.02 -22.51 -5.97
C GLY A 308 25.85 -22.13 -4.53
N LYS A 309 25.68 -20.85 -4.25
CA LYS A 309 25.30 -20.45 -2.92
C LYS A 309 23.87 -20.91 -2.74
N THR A 310 23.27 -21.38 -3.82
CA THR A 310 21.93 -22.00 -3.80
C THR A 310 21.99 -23.42 -3.28
N THR A 311 23.12 -24.09 -3.55
CA THR A 311 23.35 -25.44 -3.07
C THR A 311 23.83 -25.33 -1.63
N LEU A 312 24.88 -24.55 -1.41
CA LEU A 312 25.43 -24.34 -0.07
C LEU A 312 24.40 -23.76 0.89
N THR A 313 23.27 -23.30 0.36
CA THR A 313 22.20 -22.78 1.20
C THR A 313 21.17 -23.89 1.47
N ALA A 314 21.33 -24.99 0.75
CA ALA A 314 20.50 -26.18 0.92
C ALA A 314 21.17 -27.09 1.94
N ALA A 315 22.50 -27.16 1.85
CA ALA A 315 23.28 -27.98 2.75
C ALA A 315 23.14 -27.52 4.21
N ILE A 316 22.89 -26.24 4.40
CA ILE A 316 22.71 -25.68 5.74
C ILE A 316 21.29 -25.89 6.26
N THR A 317 20.39 -26.33 5.38
CA THR A 317 19.01 -26.59 5.80
C THR A 317 18.75 -28.10 5.98
N THR A 318 19.34 -28.89 5.11
CA THR A 318 19.26 -30.33 5.22
C THR A 318 20.04 -30.76 6.46
N VAL A 319 21.37 -30.68 6.35
CA VAL A 319 22.30 -31.07 7.42
C VAL A 319 21.89 -30.56 8.81
N LEU A 320 21.00 -29.57 8.84
CA LEU A 320 20.54 -28.95 10.08
C LEU A 320 19.17 -29.43 10.56
N ALA A 321 18.48 -30.16 9.69
CA ALA A 321 17.28 -30.87 10.11
C ALA A 321 17.63 -32.35 10.35
N LYS A 322 18.71 -32.80 9.69
CA LYS A 322 19.26 -34.15 9.86
C LYS A 322 19.99 -34.30 11.22
N THR A 323 20.33 -33.16 11.82
CA THR A 323 20.94 -33.12 13.16
C THR A 323 20.07 -32.31 14.12
N TYR A 324 20.60 -31.20 14.60
CA TYR A 324 19.93 -30.35 15.58
C TYR A 324 18.44 -30.11 15.30
N GLY A 325 17.84 -29.15 16.00
CA GLY A 325 16.42 -28.82 15.90
C GLY A 325 15.57 -29.45 14.79
N GLY A 326 14.97 -28.60 13.96
CA GLY A 326 14.13 -29.06 12.86
C GLY A 326 13.33 -27.94 12.19
N ASN A 348 12.60 -10.52 5.50
CA ASN A 348 11.34 -11.00 4.96
C ASN A 348 11.32 -10.99 3.43
N THR A 349 10.23 -11.53 2.87
CA THR A 349 10.08 -11.68 1.41
C THR A 349 11.10 -12.67 0.80
N SER A 350 10.76 -13.95 0.87
CA SER A 350 11.58 -15.03 0.29
C SER A 350 12.93 -15.18 0.99
N HIS A 351 12.88 -15.59 2.25
CA HIS A 351 14.06 -15.88 3.03
C HIS A 351 13.87 -17.28 3.61
N VAL A 352 14.93 -18.05 3.70
CA VAL A 352 14.81 -19.41 4.21
C VAL A 352 15.36 -19.56 5.62
N GLU A 353 14.47 -19.85 6.58
CA GLU A 353 14.89 -20.07 7.96
C GLU A 353 15.38 -21.50 8.20
N TYR A 354 16.38 -21.63 9.06
CA TYR A 354 16.81 -22.92 9.59
C TYR A 354 17.26 -22.75 11.04
N ASP A 355 17.23 -23.84 11.82
CA ASP A 355 17.48 -23.75 13.26
C ASP A 355 18.81 -24.36 13.73
N THR A 356 19.31 -23.84 14.85
CA THR A 356 20.60 -24.27 15.40
C THR A 356 20.39 -24.51 16.90
N PRO A 357 21.23 -25.34 17.55
CA PRO A 357 21.01 -25.80 18.93
C PRO A 357 20.72 -24.68 19.93
N THR A 358 21.12 -23.46 19.61
CA THR A 358 20.96 -22.33 20.53
C THR A 358 20.35 -21.06 19.89
N ARG A 359 20.64 -20.82 18.62
CA ARG A 359 20.18 -19.62 17.90
C ARG A 359 19.18 -19.96 16.80
N HIS A 360 18.67 -18.94 16.13
CA HIS A 360 17.65 -19.11 15.08
C HIS A 360 17.97 -18.23 13.86
N TYR A 361 18.15 -18.84 12.70
CA TYR A 361 18.67 -18.10 11.56
C TYR A 361 17.65 -17.73 10.48
N ALA A 362 17.98 -16.67 9.73
CA ALA A 362 17.17 -16.14 8.63
C ALA A 362 18.10 -15.88 7.47
N HIS A 363 18.08 -16.78 6.49
CA HIS A 363 19.02 -16.71 5.38
C HIS A 363 18.46 -15.97 4.15
N VAL A 364 19.22 -15.02 3.62
CA VAL A 364 18.87 -14.33 2.38
C VAL A 364 19.80 -14.79 1.29
N ASP A 365 19.65 -14.23 0.09
CA ASP A 365 20.63 -14.40 -0.97
C ASP A 365 20.79 -13.05 -1.64
N CYS A 366 21.94 -12.42 -1.41
CA CYS A 366 22.27 -11.12 -1.98
C CYS A 366 22.63 -11.26 -3.45
N PRO A 367 21.63 -11.10 -4.32
CA PRO A 367 21.71 -11.44 -5.74
C PRO A 367 22.01 -10.21 -6.61
N GLY A 368 21.99 -9.03 -6.02
CA GLY A 368 22.27 -7.81 -6.75
C GLY A 368 22.63 -6.68 -5.83
N HIS A 369 23.74 -6.00 -6.11
CA HIS A 369 24.27 -4.97 -5.22
C HIS A 369 23.20 -3.99 -4.80
N ALA A 370 22.80 -3.12 -5.72
CA ALA A 370 21.83 -2.11 -5.39
C ALA A 370 20.45 -2.73 -5.18
N ASP A 371 20.29 -3.97 -5.61
CA ASP A 371 19.04 -4.68 -5.38
C ASP A 371 18.92 -5.07 -3.92
N TYR A 372 19.99 -4.81 -3.17
CA TYR A 372 20.07 -5.20 -1.78
C TYR A 372 20.00 -3.98 -0.87
N VAL A 373 20.75 -2.94 -1.25
CA VAL A 373 20.74 -1.69 -0.51
C VAL A 373 19.32 -1.13 -0.43
N LYS A 374 18.48 -1.54 -1.38
CA LYS A 374 17.07 -1.18 -1.32
C LYS A 374 16.47 -1.86 -0.11
N ASN A 375 16.90 -3.09 0.16
CA ASN A 375 16.39 -3.84 1.30
C ASN A 375 16.90 -3.36 2.67
N MET A 376 18.21 -3.36 2.87
CA MET A 376 18.76 -2.89 4.16
C MET A 376 18.26 -1.50 4.54
N ILE A 377 18.23 -0.62 3.56
CA ILE A 377 17.73 0.74 3.77
C ILE A 377 16.25 0.75 4.12
N THR A 378 15.43 0.26 3.21
CA THR A 378 13.99 0.30 3.41
C THR A 378 13.66 -0.32 4.76
N GLY A 379 14.56 -1.16 5.26
CA GLY A 379 14.35 -1.79 6.55
C GLY A 379 13.91 -3.23 6.46
N ALA A 380 13.55 -3.68 5.26
CA ALA A 380 13.14 -5.07 5.04
C ALA A 380 14.01 -6.02 5.85
N ALA A 381 15.04 -6.58 5.24
CA ALA A 381 15.87 -7.54 5.96
C ALA A 381 17.35 -7.28 5.77
N GLN A 382 18.01 -6.77 6.80
CA GLN A 382 19.45 -6.51 6.73
C GLN A 382 20.21 -7.77 7.12
N MET A 383 21.49 -7.64 7.43
CA MET A 383 22.28 -8.80 7.84
C MET A 383 23.05 -8.56 9.10
N ASP A 384 22.80 -9.42 10.08
CA ASP A 384 23.55 -9.41 11.32
C ASP A 384 24.87 -10.08 11.04
N GLY A 385 24.96 -10.81 9.93
CA GLY A 385 26.19 -11.46 9.53
C GLY A 385 26.18 -12.01 8.11
N ALA A 386 27.24 -11.73 7.35
CA ALA A 386 27.32 -12.16 5.96
C ALA A 386 28.03 -13.50 5.81
N ILE A 387 27.79 -14.17 4.69
CA ILE A 387 28.53 -15.39 4.39
C ILE A 387 28.87 -15.51 2.91
N LEU A 388 30.18 -15.49 2.64
CA LEU A 388 30.69 -15.37 1.28
C LEU A 388 30.99 -16.71 0.67
N VAL A 389 30.20 -17.07 -0.34
CA VAL A 389 30.32 -18.33 -1.04
C VAL A 389 31.15 -18.18 -2.32
N VAL A 390 32.37 -18.69 -2.30
CA VAL A 390 33.16 -18.77 -3.51
C VAL A 390 33.45 -20.25 -3.71
N ALA A 391 33.68 -20.66 -4.96
CA ALA A 391 34.05 -22.04 -5.22
C ALA A 391 35.55 -22.13 -5.46
N ALA A 392 36.20 -23.07 -4.75
CA ALA A 392 37.66 -23.22 -4.79
C ALA A 392 38.17 -23.69 -6.16
N THR A 393 37.24 -24.06 -7.02
CA THR A 393 37.53 -24.44 -8.39
C THR A 393 38.02 -23.24 -9.21
N ASP A 394 37.42 -22.07 -8.98
CA ASP A 394 37.73 -20.87 -9.75
C ASP A 394 38.50 -19.81 -8.96
N GLY A 395 38.59 -20.00 -7.64
CA GLY A 395 39.21 -19.03 -6.74
C GLY A 395 38.29 -17.86 -6.46
N PRO A 396 38.82 -16.80 -5.83
CA PRO A 396 37.99 -15.60 -5.83
C PRO A 396 37.71 -15.20 -7.29
N MET A 397 36.65 -14.45 -7.53
CA MET A 397 36.35 -13.99 -8.88
C MET A 397 36.73 -12.52 -9.00
N PRO A 398 36.87 -12.01 -10.24
CA PRO A 398 37.23 -10.60 -10.42
C PRO A 398 36.21 -9.68 -9.76
N GLN A 399 34.93 -10.06 -9.86
CA GLN A 399 33.86 -9.29 -9.24
C GLN A 399 33.60 -9.74 -7.82
N THR A 400 34.47 -10.56 -7.28
CA THR A 400 34.33 -10.92 -5.90
C THR A 400 34.38 -9.64 -5.07
N ARG A 401 35.33 -8.77 -5.39
CA ARG A 401 35.52 -7.56 -4.61
C ARG A 401 34.24 -6.76 -4.53
N GLU A 402 33.44 -6.78 -5.58
CA GLU A 402 32.16 -6.08 -5.55
C GLU A 402 31.26 -6.67 -4.48
N HIS A 403 31.34 -7.99 -4.30
CA HIS A 403 30.67 -8.68 -3.19
C HIS A 403 31.21 -8.16 -1.87
N ILE A 404 32.52 -8.24 -1.70
CA ILE A 404 33.15 -7.82 -0.46
C ILE A 404 33.00 -6.32 -0.24
N LEU A 405 32.79 -5.58 -1.33
CA LEU A 405 32.59 -4.13 -1.27
C LEU A 405 31.11 -3.78 -1.16
N LEU A 406 30.25 -4.77 -1.34
CA LEU A 406 28.87 -4.62 -0.94
C LEU A 406 28.86 -4.87 0.56
N GLY A 407 29.96 -5.43 1.05
CA GLY A 407 30.11 -5.65 2.47
C GLY A 407 30.41 -4.37 3.22
N ARG A 408 31.61 -3.83 2.98
CA ARG A 408 32.03 -2.63 3.70
C ARG A 408 30.94 -1.59 3.59
N GLN A 409 30.45 -1.40 2.37
CA GLN A 409 29.59 -0.28 2.05
C GLN A 409 28.18 -0.32 2.66
N VAL A 410 27.81 -1.42 3.31
CA VAL A 410 26.44 -1.58 3.82
C VAL A 410 26.32 -1.83 5.33
N GLY A 411 27.42 -2.15 5.98
CA GLY A 411 27.39 -2.34 7.42
C GLY A 411 27.72 -3.74 7.87
N VAL A 412 27.16 -4.75 7.20
CA VAL A 412 27.30 -6.11 7.68
C VAL A 412 28.49 -6.21 8.60
N PRO A 413 28.24 -6.54 9.87
CA PRO A 413 29.30 -6.68 10.86
C PRO A 413 30.38 -7.62 10.37
N TYR A 414 30.17 -8.91 10.53
CA TYR A 414 31.20 -9.89 10.24
C TYR A 414 30.89 -10.72 9.00
N ILE A 415 31.93 -11.17 8.32
CA ILE A 415 31.79 -11.92 7.08
C ILE A 415 32.47 -13.29 7.15
N ILE A 416 31.68 -14.34 6.95
CA ILE A 416 32.14 -15.72 7.00
C ILE A 416 32.30 -16.26 5.60
N VAL A 417 33.37 -17.02 5.37
CA VAL A 417 33.67 -17.47 4.01
C VAL A 417 33.68 -18.98 3.81
N PHE A 418 32.65 -19.47 3.12
CA PHE A 418 32.54 -20.88 2.82
C PHE A 418 33.15 -21.18 1.48
N LEU A 419 34.17 -22.04 1.48
CA LEU A 419 34.84 -22.46 0.26
C LEU A 419 34.22 -23.74 -0.33
N ASN A 420 33.41 -23.56 -1.38
CA ASN A 420 32.61 -24.64 -1.93
C ASN A 420 33.38 -25.47 -2.94
N LYS A 421 32.92 -26.71 -3.10
CA LYS A 421 33.43 -27.64 -4.11
C LYS A 421 34.92 -27.88 -4.01
N CYS A 422 35.37 -28.55 -2.95
CA CYS A 422 36.80 -28.76 -2.74
C CYS A 422 37.30 -30.11 -3.25
N ASP A 423 36.42 -31.10 -3.29
CA ASP A 423 36.77 -32.40 -3.85
C ASP A 423 37.29 -32.21 -5.28
N MET A 424 36.62 -31.35 -6.04
CA MET A 424 37.04 -31.05 -7.41
C MET A 424 38.42 -30.39 -7.43
N VAL A 425 39.12 -30.44 -6.29
CA VAL A 425 40.52 -30.01 -6.23
C VAL A 425 41.43 -31.09 -5.66
N ASP A 426 42.56 -31.27 -6.33
CA ASP A 426 43.53 -32.30 -5.99
C ASP A 426 44.51 -31.79 -4.93
N ASP A 427 45.62 -31.21 -5.39
CA ASP A 427 46.66 -30.72 -4.50
C ASP A 427 46.02 -29.81 -3.46
N GLU A 428 46.35 -30.03 -2.20
CA GLU A 428 45.83 -29.19 -1.11
C GLU A 428 46.52 -27.82 -1.02
N GLU A 429 47.78 -27.74 -1.42
CA GLU A 429 48.50 -26.46 -1.37
C GLU A 429 47.79 -25.46 -2.28
N LEU A 430 46.97 -25.99 -3.19
CA LEU A 430 46.17 -25.18 -4.10
C LEU A 430 45.09 -24.47 -3.30
N LEU A 431 44.40 -25.22 -2.45
CA LEU A 431 43.42 -24.61 -1.58
C LEU A 431 44.07 -23.53 -0.71
N GLU A 432 45.09 -23.89 0.07
CA GLU A 432 45.73 -22.89 0.93
C GLU A 432 46.32 -21.73 0.13
N LEU A 433 46.05 -21.69 -1.17
CA LEU A 433 46.40 -20.56 -2.02
C LEU A 433 45.14 -19.75 -2.37
N VAL A 434 44.00 -20.43 -2.43
CA VAL A 434 42.72 -19.74 -2.62
C VAL A 434 42.41 -18.87 -1.41
N GLU A 435 42.48 -19.44 -0.21
CA GLU A 435 42.37 -18.65 1.02
C GLU A 435 43.32 -17.48 0.95
N MET A 436 44.60 -17.78 0.78
CA MET A 436 45.64 -16.78 0.56
C MET A 436 45.04 -15.53 -0.07
N GLU A 437 44.29 -15.74 -1.15
CA GLU A 437 43.67 -14.66 -1.91
C GLU A 437 42.44 -14.07 -1.24
N VAL A 438 41.44 -14.88 -0.93
CA VAL A 438 40.18 -14.34 -0.40
C VAL A 438 40.32 -13.84 1.02
N ARG A 439 41.51 -13.98 1.61
CA ARG A 439 41.81 -13.26 2.84
C ARG A 439 42.37 -11.88 2.50
N GLU A 440 43.09 -11.80 1.38
CA GLU A 440 43.73 -10.56 1.02
C GLU A 440 42.81 -9.64 0.21
N LEU A 441 41.60 -10.11 -0.11
CA LEU A 441 40.58 -9.23 -0.66
C LEU A 441 39.78 -8.70 0.50
N LEU A 442 39.44 -9.57 1.44
CA LEU A 442 38.77 -9.12 2.64
C LEU A 442 39.48 -7.89 3.19
N SER A 443 40.80 -7.93 3.19
CA SER A 443 41.58 -6.91 3.88
C SER A 443 42.05 -5.79 2.97
N GLN A 444 41.32 -5.60 1.89
CA GLN A 444 41.45 -4.37 1.14
C GLN A 444 40.21 -3.59 1.52
N TYR A 445 39.28 -4.30 2.14
CA TYR A 445 38.01 -3.71 2.50
C TYR A 445 37.89 -3.68 4.02
N ASP A 446 39.02 -3.39 4.65
CA ASP A 446 39.13 -3.24 6.09
C ASP A 446 38.33 -4.24 6.92
N PHE A 447 37.98 -5.36 6.33
CA PHE A 447 37.42 -6.46 7.07
C PHE A 447 38.58 -7.22 7.68
N PRO A 448 38.36 -7.88 8.82
CA PRO A 448 39.46 -8.63 9.46
C PRO A 448 39.89 -9.85 8.61
N GLY A 449 40.78 -9.63 7.65
CA GLY A 449 41.15 -10.66 6.71
C GLY A 449 41.84 -11.83 7.37
N ASP A 450 42.89 -11.54 8.12
CA ASP A 450 43.67 -12.56 8.80
C ASP A 450 42.86 -13.36 9.81
N ASP A 451 41.92 -12.71 10.48
CA ASP A 451 41.17 -13.34 11.57
C ASP A 451 39.77 -13.81 11.13
N THR A 452 39.55 -13.92 9.82
CA THR A 452 38.27 -14.38 9.28
C THR A 452 38.26 -15.89 9.06
N PRO A 453 37.12 -16.55 9.31
CA PRO A 453 37.07 -18.01 9.19
C PRO A 453 36.74 -18.46 7.78
N ILE A 454 37.35 -19.56 7.35
CA ILE A 454 37.07 -20.17 6.05
C ILE A 454 36.89 -21.68 6.17
N VAL A 455 35.70 -22.18 5.81
CA VAL A 455 35.48 -23.61 5.76
C VAL A 455 35.71 -24.12 4.33
N ARG A 456 36.28 -25.31 4.20
CA ARG A 456 36.44 -25.93 2.88
C ARG A 456 35.58 -27.18 2.82
N GLY A 457 34.67 -27.24 1.87
CA GLY A 457 33.73 -28.34 1.81
C GLY A 457 32.78 -28.23 0.64
N SER A 458 32.08 -29.31 0.33
CA SER A 458 31.22 -29.32 -0.85
C SER A 458 29.77 -29.22 -0.40
N ALA A 459 28.96 -28.53 -1.19
CA ALA A 459 27.54 -28.38 -0.89
C ALA A 459 26.75 -29.58 -1.40
N LEU A 460 26.92 -29.89 -2.69
CA LEU A 460 26.21 -30.99 -3.34
C LEU A 460 26.45 -32.34 -2.67
N LYS A 461 27.66 -32.55 -2.15
CA LYS A 461 27.97 -33.79 -1.45
C LYS A 461 27.22 -33.85 -0.13
N ALA A 462 27.11 -32.70 0.54
CA ALA A 462 26.39 -32.65 1.79
C ALA A 462 24.96 -33.16 1.62
N LEU A 463 24.34 -32.76 0.52
CA LEU A 463 23.00 -33.20 0.20
C LEU A 463 23.05 -34.69 -0.04
N GLU A 464 23.97 -35.09 -0.92
CA GLU A 464 24.18 -36.50 -1.25
C GLU A 464 24.14 -37.35 0.01
N GLY A 465 25.04 -37.06 0.95
CA GLY A 465 25.01 -37.70 2.26
C GLY A 465 26.37 -37.94 2.86
N ASP A 466 27.41 -37.52 2.14
CA ASP A 466 28.80 -37.74 2.58
C ASP A 466 29.14 -36.95 3.84
N ALA A 467 29.26 -37.65 4.97
CA ALA A 467 29.47 -37.01 6.27
C ALA A 467 30.87 -36.43 6.49
N GLU A 468 31.84 -36.89 5.71
CA GLU A 468 33.18 -36.29 5.74
C GLU A 468 33.06 -34.86 5.26
N TRP A 469 31.93 -34.58 4.60
CA TRP A 469 31.58 -33.26 4.09
C TRP A 469 30.50 -32.63 4.96
N GLU A 470 29.60 -33.46 5.47
CA GLU A 470 28.51 -32.99 6.32
C GLU A 470 29.00 -32.29 7.59
N ALA A 471 30.23 -32.61 7.99
CA ALA A 471 30.84 -31.98 9.15
C ALA A 471 31.35 -30.58 8.81
N LYS A 472 31.51 -30.32 7.52
CA LYS A 472 31.94 -28.99 7.09
C LYS A 472 30.76 -28.04 7.09
N ILE A 473 29.60 -28.51 6.59
CA ILE A 473 28.40 -27.69 6.62
C ILE A 473 28.05 -27.42 8.07
N LEU A 474 28.48 -28.33 8.95
CA LEU A 474 28.38 -28.09 10.38
C LEU A 474 29.53 -27.20 10.87
N GLU A 475 30.74 -27.50 10.40
CA GLU A 475 31.89 -26.67 10.74
C GLU A 475 31.57 -25.22 10.43
N LEU A 476 30.67 -25.00 9.47
CA LEU A 476 30.24 -23.66 9.16
C LEU A 476 29.13 -23.21 10.09
N ALA A 477 28.14 -24.06 10.28
CA ALA A 477 26.97 -23.70 11.08
C ALA A 477 27.39 -23.20 12.43
N GLY A 478 28.30 -23.94 13.06
CA GLY A 478 28.79 -23.60 14.38
C GLY A 478 29.84 -22.51 14.36
N PHE A 479 30.01 -21.92 13.18
CA PHE A 479 30.78 -20.68 12.99
C PHE A 479 29.84 -19.49 13.06
N LEU A 480 28.60 -19.73 12.63
CA LEU A 480 27.54 -18.74 12.76
C LEU A 480 27.16 -18.74 14.24
N ASP A 481 27.57 -19.76 14.96
CA ASP A 481 27.24 -19.87 16.38
C ASP A 481 28.33 -19.29 17.28
N SER A 482 29.33 -18.65 16.70
CA SER A 482 30.48 -18.21 17.49
C SER A 482 31.21 -16.96 16.97
N TYR A 483 31.03 -16.66 15.68
CA TYR A 483 31.65 -15.47 15.06
C TYR A 483 30.70 -14.27 14.90
N ILE A 484 29.46 -14.53 14.52
CA ILE A 484 28.43 -13.51 14.61
C ILE A 484 27.89 -13.53 16.05
N PRO A 485 28.18 -12.48 16.85
CA PRO A 485 27.84 -12.45 18.28
C PRO A 485 26.35 -12.25 18.59
N GLU A 486 25.91 -12.64 19.80
CA GLU A 486 24.51 -12.52 20.18
C GLU A 486 23.99 -11.08 20.05
N PRO A 487 23.03 -10.86 19.13
CA PRO A 487 22.41 -9.54 18.90
C PRO A 487 21.78 -8.96 20.18
N GLU A 488 22.06 -7.70 20.46
CA GLU A 488 21.69 -7.13 21.75
C GLU A 488 20.17 -7.14 21.94
N ARG A 489 19.72 -7.99 22.86
CA ARG A 489 18.31 -8.11 23.19
C ARG A 489 17.64 -6.74 23.23
N ALA A 490 16.54 -6.60 22.49
CA ALA A 490 15.83 -5.32 22.35
C ALA A 490 15.26 -4.80 23.68
N ILE A 491 15.18 -5.67 24.67
CA ILE A 491 14.70 -5.23 25.98
C ILE A 491 15.86 -4.95 26.93
N ASP A 492 17.07 -4.91 26.38
CA ASP A 492 18.28 -4.77 27.20
C ASP A 492 19.06 -3.49 26.98
N LYS A 493 18.67 -2.75 25.94
CA LYS A 493 19.29 -1.48 25.62
C LYS A 493 18.62 -0.38 26.46
N PRO A 494 19.24 0.81 26.55
CA PRO A 494 18.74 1.85 27.44
C PRO A 494 17.27 2.14 27.22
N PHE A 495 16.68 2.99 28.06
CA PHE A 495 15.28 3.33 27.91
C PHE A 495 15.04 4.29 26.76
N LEU A 496 13.87 4.15 26.13
CA LEU A 496 13.43 4.99 25.03
C LEU A 496 11.99 4.63 24.75
N LEU A 497 11.17 5.63 24.50
CA LEU A 497 9.75 5.39 24.25
C LEU A 497 9.19 6.58 23.51
N PRO A 498 8.74 6.33 22.29
CA PRO A 498 8.19 7.28 21.33
C PRO A 498 6.95 7.99 21.89
N ILE A 499 7.10 9.21 22.36
CA ILE A 499 5.97 9.88 22.95
C ILE A 499 4.95 10.22 21.90
N GLU A 500 3.79 9.57 21.94
CA GLU A 500 2.77 9.92 20.97
C GLU A 500 1.53 10.68 21.46
N ASP A 501 1.37 10.83 22.78
CA ASP A 501 0.31 11.70 23.29
C ASP A 501 0.45 12.07 24.76
N VAL A 502 0.24 13.36 25.01
CA VAL A 502 0.39 13.99 26.32
C VAL A 502 -0.97 14.36 26.93
N PHE A 503 -1.18 14.03 28.21
CA PHE A 503 -2.43 14.38 28.89
C PHE A 503 -2.25 14.99 30.28
N SER A 504 -3.12 15.92 30.64
CA SER A 504 -3.08 16.45 31.99
C SER A 504 -4.33 16.02 32.76
N ILE A 505 -4.18 14.95 33.56
CA ILE A 505 -5.25 14.43 34.40
C ILE A 505 -5.14 15.04 35.77
N SER A 506 -6.28 15.26 36.43
CA SER A 506 -6.24 15.79 37.79
C SER A 506 -5.86 14.71 38.82
N GLY A 507 -4.62 14.76 39.31
CA GLY A 507 -4.15 13.80 40.30
C GLY A 507 -3.12 12.82 39.75
N ARG A 508 -2.71 13.07 38.51
CA ARG A 508 -1.72 12.26 37.83
C ARG A 508 -0.68 13.24 37.27
N GLY A 509 -1.15 14.46 37.04
CA GLY A 509 -0.34 15.48 36.41
C GLY A 509 -0.10 15.14 34.96
N THR A 510 1.16 15.01 34.60
CA THR A 510 1.48 14.80 33.20
C THR A 510 1.69 13.32 32.91
N VAL A 511 1.04 12.82 31.86
CA VAL A 511 1.30 11.45 31.41
C VAL A 511 1.50 11.36 29.89
N VAL A 512 2.48 10.58 29.48
CA VAL A 512 2.68 10.31 28.05
C VAL A 512 2.39 8.82 27.78
N THR A 513 1.83 8.53 26.62
CA THR A 513 1.59 7.15 26.25
C THR A 513 2.29 6.83 24.93
N GLY A 514 2.80 5.60 24.82
CA GLY A 514 3.56 5.17 23.66
C GLY A 514 4.07 3.75 23.82
N ARG A 515 4.38 3.08 22.72
CA ARG A 515 4.91 1.73 22.81
C ARG A 515 6.39 1.80 23.15
N VAL A 516 6.75 1.44 24.38
CA VAL A 516 8.14 1.50 24.81
C VAL A 516 9.00 0.66 23.87
N GLU A 517 9.97 1.31 23.24
CA GLU A 517 10.78 0.70 22.16
C GLU A 517 11.95 -0.15 22.67
N ARG A 518 12.69 0.36 23.65
CA ARG A 518 13.81 -0.40 24.19
C ARG A 518 13.93 -0.19 25.69
N GLY A 519 14.65 -1.11 26.34
CA GLY A 519 14.92 -1.03 27.77
C GLY A 519 13.69 -1.14 28.67
N ILE A 520 13.91 -0.88 29.97
CA ILE A 520 12.87 -0.84 30.99
C ILE A 520 12.81 0.51 31.67
N ILE A 521 11.59 0.94 31.97
CA ILE A 521 11.37 2.12 32.82
C ILE A 521 10.70 1.70 34.13
N LYS A 522 11.46 1.77 35.22
CA LYS A 522 10.97 1.38 36.52
C LYS A 522 10.48 2.62 37.26
N VAL A 523 9.32 2.51 37.90
CA VAL A 523 8.71 3.66 38.57
C VAL A 523 9.62 4.30 39.61
N GLY A 524 9.91 5.58 39.44
CA GLY A 524 10.85 6.26 40.30
C GLY A 524 12.11 6.67 39.58
N GLU A 525 12.53 5.86 38.62
CA GLU A 525 13.72 6.19 37.83
C GLU A 525 13.56 7.58 37.26
N GLU A 526 14.66 8.14 36.74
CA GLU A 526 14.59 9.44 36.06
C GLU A 526 14.65 9.28 34.55
N VAL A 527 13.58 9.71 33.89
CA VAL A 527 13.50 9.75 32.44
C VAL A 527 13.70 11.18 31.96
N GLU A 528 14.26 11.33 30.77
CA GLU A 528 14.64 12.64 30.27
C GLU A 528 13.93 12.86 28.94
N ILE A 529 13.08 13.88 28.83
CA ILE A 529 12.28 14.04 27.60
C ILE A 529 12.97 14.91 26.53
N VAL A 530 13.54 14.21 25.55
CA VAL A 530 14.46 14.78 24.56
C VAL A 530 13.89 14.65 23.16
N GLY A 531 14.01 15.71 22.38
CA GLY A 531 13.43 15.68 21.05
C GLY A 531 13.40 17.02 20.37
N ILE A 532 12.30 17.76 20.54
CA ILE A 532 12.04 18.92 19.68
C ILE A 532 12.52 20.25 20.25
N LYS A 533 12.43 20.40 21.56
CA LYS A 533 12.81 21.65 22.21
C LYS A 533 13.96 21.38 23.17
N GLU A 534 14.35 22.38 23.95
CA GLU A 534 15.40 22.19 24.95
C GLU A 534 15.11 20.97 25.84
N THR A 535 15.82 19.87 25.60
CA THR A 535 15.56 18.61 26.31
C THR A 535 15.32 18.83 27.79
N GLN A 536 14.28 18.21 28.32
CA GLN A 536 13.93 18.40 29.73
C GLN A 536 14.05 17.15 30.56
N LYS A 537 14.08 17.34 31.89
CA LYS A 537 14.27 16.26 32.86
C LYS A 537 13.05 16.11 33.74
N SER A 538 12.79 14.88 34.18
CA SER A 538 11.65 14.60 35.03
C SER A 538 11.89 13.24 35.65
N THR A 539 10.93 12.75 36.41
CA THR A 539 11.13 11.47 37.09
C THR A 539 9.85 10.62 37.10
N CYS A 540 10.01 9.32 36.87
CA CYS A 540 8.87 8.46 36.59
C CYS A 540 7.93 8.18 37.75
N THR A 541 6.82 8.91 37.76
CA THR A 541 5.78 8.75 38.77
C THR A 541 5.07 7.40 38.71
N GLY A 542 5.03 6.77 37.54
CA GLY A 542 4.41 5.46 37.41
C GLY A 542 4.28 4.95 35.99
N VAL A 543 3.56 3.83 35.82
CA VAL A 543 3.31 3.25 34.49
C VAL A 543 2.05 2.40 34.51
N GLU A 544 1.14 2.58 33.55
CA GLU A 544 -0.11 1.83 33.61
C GLU A 544 -0.65 1.41 32.25
N MET A 545 -1.29 0.25 32.20
CA MET A 545 -2.01 -0.18 31.01
C MET A 545 -3.49 0.04 31.25
N PHE A 546 -4.35 -0.52 30.40
CA PHE A 546 -5.74 -0.27 30.64
C PHE A 546 -6.26 -1.03 31.85
N ARG A 547 -5.55 -2.06 32.28
CA ARG A 547 -6.03 -2.88 33.39
C ARG A 547 -5.06 -2.91 34.57
N LYS A 548 -3.89 -3.51 34.36
CA LYS A 548 -2.87 -3.59 35.38
C LYS A 548 -2.31 -2.20 35.57
N LEU A 549 -1.45 -2.03 36.58
CA LEU A 549 -0.87 -0.73 36.83
C LEU A 549 0.65 -0.86 37.00
N LEU A 550 1.18 -2.03 36.64
CA LEU A 550 2.60 -2.38 36.77
C LEU A 550 3.59 -1.25 37.15
N ASP A 551 4.63 -1.61 37.89
CA ASP A 551 5.58 -0.63 38.42
C ASP A 551 6.79 -0.46 37.51
N GLU A 552 6.69 -1.04 36.32
CA GLU A 552 7.73 -0.88 35.30
C GLU A 552 7.14 -1.02 33.89
N GLY A 553 7.87 -0.46 32.93
CA GLY A 553 7.53 -0.62 31.54
C GLY A 553 8.52 -1.53 30.85
N ARG A 554 8.02 -2.67 30.39
CA ARG A 554 8.83 -3.61 29.64
C ARG A 554 8.75 -3.32 28.13
N ALA A 555 9.87 -2.92 27.52
CA ALA A 555 9.90 -2.70 26.08
C ALA A 555 9.02 -3.69 25.30
N GLY A 556 8.23 -3.16 24.36
CA GLY A 556 7.38 -4.01 23.55
C GLY A 556 5.95 -3.94 24.05
N GLU A 557 5.78 -3.20 25.14
CA GLU A 557 4.47 -3.02 25.76
C GLU A 557 3.91 -1.64 25.46
N ASN A 558 2.58 -1.54 25.46
CA ASN A 558 1.93 -0.28 25.21
C ASN A 558 1.43 0.36 26.48
N VAL A 559 2.30 1.12 27.15
CA VAL A 559 1.97 1.72 28.44
C VAL A 559 1.94 3.21 28.40
N GLY A 560 1.31 3.81 29.40
CA GLY A 560 1.42 5.23 29.64
C GLY A 560 2.38 5.37 30.81
N VAL A 561 3.22 6.37 30.76
CA VAL A 561 4.20 6.58 31.81
C VAL A 561 3.91 7.94 32.44
N LEU A 562 3.86 7.98 33.76
CA LEU A 562 3.54 9.22 34.49
C LEU A 562 4.78 10.04 34.89
N LEU A 563 4.70 11.36 34.74
CA LEU A 563 5.78 12.28 35.07
C LEU A 563 5.34 13.31 36.10
N ARG A 564 6.29 13.80 36.90
CA ARG A 564 6.00 14.84 37.87
C ARG A 564 6.67 16.16 37.50
N GLY A 565 6.05 17.25 37.91
CA GLY A 565 6.64 18.57 37.78
C GLY A 565 6.94 19.00 36.36
N ILE A 566 5.94 18.90 35.49
CA ILE A 566 6.09 19.31 34.11
C ILE A 566 4.73 19.57 33.45
N LYS A 567 4.54 20.80 32.97
CA LYS A 567 3.31 21.24 32.31
C LYS A 567 3.13 20.53 30.96
N ARG A 568 1.88 20.29 30.57
CA ARG A 568 1.62 19.47 29.38
C ARG A 568 1.78 20.22 28.04
N GLU A 569 2.11 21.51 28.09
CA GLU A 569 2.37 22.29 26.86
C GLU A 569 3.86 22.33 26.58
N GLU A 570 4.60 21.52 27.35
CA GLU A 570 6.05 21.46 27.26
C GLU A 570 6.51 20.15 26.62
N ILE A 571 5.55 19.26 26.37
CA ILE A 571 5.81 18.06 25.57
C ILE A 571 5.11 18.15 24.22
N GLU A 572 5.59 17.41 23.24
CA GLU A 572 4.92 17.32 21.97
C GLU A 572 5.10 15.91 21.47
N ARG A 573 4.22 15.46 20.57
CA ARG A 573 4.45 14.21 19.88
C ARG A 573 5.82 14.29 19.23
N GLY A 574 6.46 13.17 19.02
CA GLY A 574 7.71 13.17 18.31
C GLY A 574 8.85 12.93 19.25
N GLN A 575 8.94 13.76 20.28
CA GLN A 575 9.93 13.57 21.31
C GLN A 575 9.88 12.17 21.85
N VAL A 576 11.02 11.68 22.34
CA VAL A 576 11.06 10.40 23.04
C VAL A 576 11.40 10.58 24.50
N LEU A 577 11.23 9.51 25.27
CA LEU A 577 11.39 9.62 26.68
C LEU A 577 12.48 8.63 27.04
N ALA A 578 13.73 9.05 27.00
CA ALA A 578 14.82 8.09 27.20
C ALA A 578 15.52 8.26 28.54
N LYS A 579 16.24 7.23 28.97
CA LYS A 579 17.11 7.36 30.13
C LYS A 579 18.10 8.47 29.80
N PRO A 580 18.44 9.29 30.79
CA PRO A 580 19.24 10.50 30.55
C PRO A 580 20.64 10.20 30.04
N GLY A 581 21.02 10.87 28.94
CA GLY A 581 22.31 10.66 28.30
C GLY A 581 22.24 9.64 27.18
N THR A 582 21.14 8.89 27.19
CA THR A 582 20.90 7.81 26.24
C THR A 582 20.88 8.32 24.80
N ILE A 583 20.08 9.36 24.57
CA ILE A 583 19.99 9.92 23.23
C ILE A 583 19.84 11.44 23.16
N LYS A 584 20.57 12.06 22.24
CA LYS A 584 20.62 13.52 22.10
C LYS A 584 19.90 14.03 20.85
N PRO A 585 19.31 15.23 20.92
CA PRO A 585 18.62 15.88 19.79
C PRO A 585 19.58 16.28 18.70
N HIS A 586 19.20 16.10 17.45
CA HIS A 586 20.11 16.43 16.34
C HIS A 586 19.34 16.95 15.17
N THR A 587 19.98 17.82 14.39
CA THR A 587 19.29 18.48 13.29
C THR A 587 19.86 18.17 11.90
N LYS A 588 21.15 17.86 11.82
CA LYS A 588 21.78 17.58 10.52
C LYS A 588 22.47 16.25 10.57
N PHE A 589 22.42 15.52 9.47
CA PHE A 589 22.98 14.18 9.43
C PHE A 589 23.17 13.70 8.02
N GLU A 590 23.75 12.52 7.92
CA GLU A 590 24.11 11.93 6.67
C GLU A 590 23.30 10.66 6.57
N SER A 591 22.75 10.32 5.40
CA SER A 591 21.92 9.13 5.32
C SER A 591 22.07 8.35 4.01
N GLU A 592 21.38 7.22 3.94
CA GLU A 592 21.19 6.54 2.68
C GLU A 592 19.72 6.24 2.61
N VAL A 593 19.05 6.76 1.58
CA VAL A 593 17.61 6.60 1.45
C VAL A 593 17.25 6.09 0.07
N TYR A 594 16.16 5.34 0.02
CA TYR A 594 15.70 4.76 -1.23
C TYR A 594 14.44 5.51 -1.61
N ILE A 595 14.21 5.75 -2.89
CA ILE A 595 13.01 6.52 -3.27
C ILE A 595 11.94 5.70 -4.00
N LEU A 596 10.94 5.28 -3.23
CA LEU A 596 9.80 4.52 -3.75
C LEU A 596 9.58 4.76 -5.23
N SER A 597 9.84 3.75 -6.05
CA SER A 597 9.55 3.80 -7.48
C SER A 597 8.14 4.24 -7.81
N LYS A 598 7.87 4.41 -9.10
CA LYS A 598 6.56 4.87 -9.55
C LYS A 598 5.50 3.85 -9.16
N ASP A 599 5.77 2.59 -9.45
CA ASP A 599 4.76 1.57 -9.28
C ASP A 599 4.60 1.13 -7.82
N GLU A 600 5.48 1.61 -6.95
CA GLU A 600 5.36 1.30 -5.53
C GLU A 600 4.61 2.41 -4.80
N GLY A 601 3.89 3.24 -5.56
CA GLY A 601 2.96 4.21 -4.99
C GLY A 601 3.64 5.46 -4.50
N GLY A 602 4.85 5.70 -5.01
CA GLY A 602 5.64 6.84 -4.61
C GLY A 602 5.57 7.93 -5.64
N ARG A 603 6.63 8.74 -5.69
CA ARG A 603 6.69 9.84 -6.65
C ARG A 603 6.61 9.25 -8.04
N HIS A 604 6.45 10.08 -9.06
CA HIS A 604 6.57 9.60 -10.43
C HIS A 604 7.27 10.62 -11.32
N THR A 605 7.43 11.84 -10.81
CA THR A 605 8.35 12.82 -11.39
C THR A 605 9.64 12.78 -10.55
N PRO A 606 10.81 12.81 -11.21
CA PRO A 606 12.02 12.86 -10.42
C PRO A 606 12.03 14.16 -9.67
N PHE A 607 13.02 14.39 -8.82
CA PHE A 607 13.17 15.69 -8.20
C PHE A 607 14.63 16.09 -8.35
N PHE A 608 15.02 17.30 -7.97
CA PHE A 608 16.41 17.71 -8.14
C PHE A 608 16.98 18.40 -6.91
N LYS A 609 17.96 19.28 -7.11
CA LYS A 609 18.73 19.88 -6.01
C LYS A 609 17.92 20.32 -4.79
N GLY A 610 16.67 20.72 -4.98
CA GLY A 610 15.91 21.35 -3.90
C GLY A 610 14.73 20.63 -3.22
N TYR A 611 14.82 19.31 -3.09
CA TYR A 611 13.76 18.55 -2.46
C TYR A 611 13.53 19.06 -1.04
N ARG A 612 12.26 19.33 -0.69
CA ARG A 612 11.90 19.82 0.66
C ARG A 612 10.70 19.11 1.32
N PRO A 613 10.86 17.82 1.72
CA PRO A 613 9.80 17.01 2.33
C PRO A 613 9.74 17.06 3.87
N GLN A 614 8.92 16.18 4.45
CA GLN A 614 8.87 16.03 5.89
C GLN A 614 9.36 14.63 6.12
N PHE A 615 10.05 14.41 7.23
CA PHE A 615 10.64 13.11 7.49
C PHE A 615 9.97 12.47 8.68
N TYR A 616 9.29 11.34 8.46
CA TYR A 616 8.52 10.77 9.53
C TYR A 616 9.41 9.92 10.39
N PHE A 617 9.50 10.27 11.67
CA PHE A 617 10.42 9.59 12.57
C PHE A 617 9.81 8.57 13.52
N ARG A 618 9.28 9.02 14.63
CA ARG A 618 8.64 8.06 15.50
C ARG A 618 7.14 8.20 15.41
N THR A 619 6.67 9.43 15.52
CA THR A 619 5.25 9.69 15.54
C THR A 619 4.92 11.03 14.91
N THR A 620 5.94 11.77 14.48
CA THR A 620 5.74 13.07 13.83
C THR A 620 6.59 13.32 12.59
N ASP A 621 5.98 13.90 11.56
CA ASP A 621 6.70 14.41 10.40
C ASP A 621 7.77 15.37 10.88
N VAL A 622 8.59 15.86 9.97
CA VAL A 622 9.38 17.05 10.21
C VAL A 622 10.05 17.50 8.91
N THR A 623 9.78 18.74 8.54
CA THR A 623 10.31 19.32 7.32
C THR A 623 11.83 19.37 7.34
N GLY A 624 12.44 19.33 6.17
CA GLY A 624 13.89 19.40 6.10
C GLY A 624 14.41 19.45 4.68
N THR A 625 15.45 20.25 4.47
CA THR A 625 16.11 20.31 3.18
C THR A 625 17.24 19.28 3.08
N ILE A 626 17.66 18.99 1.85
CA ILE A 626 18.70 18.01 1.59
C ILE A 626 19.68 18.49 0.53
N GLU A 627 20.86 17.88 0.52
CA GLU A 627 21.83 18.14 -0.54
C GLU A 627 22.32 16.84 -1.17
N LEU A 628 22.14 16.69 -2.47
CA LEU A 628 22.62 15.50 -3.17
C LEU A 628 24.15 15.52 -3.10
N PRO A 629 24.79 14.39 -3.38
CA PRO A 629 26.25 14.35 -3.23
C PRO A 629 26.99 14.91 -4.45
N GLU A 630 28.32 14.82 -4.40
CA GLU A 630 29.21 15.44 -5.39
C GLU A 630 29.08 14.84 -6.80
N GLY A 631 28.17 15.40 -7.58
CA GLY A 631 28.07 15.04 -8.99
C GLY A 631 26.70 14.63 -9.48
N VAL A 632 25.80 14.32 -8.56
CA VAL A 632 24.45 13.95 -8.94
C VAL A 632 23.57 15.20 -8.91
N GLU A 633 22.71 15.34 -9.91
CA GLU A 633 21.91 16.55 -10.06
C GLU A 633 20.41 16.27 -10.13
N MET A 634 20.05 15.07 -10.58
CA MET A 634 18.66 14.64 -10.60
C MET A 634 18.51 13.34 -9.80
N VAL A 635 17.28 12.96 -9.46
CA VAL A 635 17.03 11.74 -8.72
C VAL A 635 15.61 11.35 -9.04
N MET A 636 15.32 10.05 -9.05
CA MET A 636 14.02 9.61 -9.54
C MET A 636 13.43 8.38 -8.89
N PRO A 637 12.11 8.23 -8.98
CA PRO A 637 11.46 7.03 -8.52
C PRO A 637 12.34 5.84 -8.82
N GLY A 638 12.61 5.01 -7.82
CA GLY A 638 13.42 3.84 -8.04
C GLY A 638 14.85 3.98 -7.58
N ASP A 639 15.44 5.16 -7.85
CA ASP A 639 16.77 5.47 -7.37
C ASP A 639 16.90 5.15 -5.88
N ASN A 640 18.12 4.94 -5.43
CA ASN A 640 18.38 4.92 -4.01
C ASN A 640 19.69 5.60 -3.73
N ILE A 641 19.57 6.91 -3.66
CA ILE A 641 20.66 7.87 -3.51
C ILE A 641 21.12 8.05 -2.07
N LYS A 642 22.40 8.31 -1.86
CA LYS A 642 22.87 8.71 -0.54
C LYS A 642 22.75 10.23 -0.46
N MET A 643 22.30 10.76 0.68
CA MET A 643 22.03 12.19 0.78
C MET A 643 22.18 12.75 2.20
N VAL A 644 22.58 14.01 2.30
CA VAL A 644 22.69 14.70 3.59
C VAL A 644 21.41 15.45 3.87
N VAL A 645 20.86 15.26 5.06
CA VAL A 645 19.58 15.86 5.39
C VAL A 645 19.72 16.79 6.57
N THR A 646 19.09 17.94 6.48
CA THR A 646 19.03 18.84 7.62
C THR A 646 17.58 19.28 7.88
N LEU A 647 17.14 19.13 9.13
CA LEU A 647 15.74 19.33 9.48
C LEU A 647 15.50 20.72 9.97
N ILE A 648 14.23 21.09 10.00
CA ILE A 648 13.81 22.37 10.53
C ILE A 648 14.07 22.50 12.05
N HIS A 649 14.18 21.37 12.75
CA HIS A 649 14.48 21.36 14.20
C HIS A 649 14.63 19.94 14.79
N PRO A 650 15.37 19.81 15.89
CA PRO A 650 15.91 18.58 16.49
C PRO A 650 14.98 17.38 16.52
N ILE A 651 15.54 16.19 16.36
CA ILE A 651 14.89 14.98 16.86
C ILE A 651 15.92 14.18 17.66
N ALA A 652 15.45 13.28 18.51
CA ALA A 652 16.38 12.41 19.22
C ALA A 652 16.76 11.29 18.26
N MET A 653 18.03 11.28 17.85
CA MET A 653 18.48 10.34 16.82
C MET A 653 19.91 9.81 16.98
N ASP A 654 20.12 8.56 16.59
CA ASP A 654 21.43 7.93 16.61
C ASP A 654 21.54 6.87 15.50
N ASP A 655 22.78 6.57 15.10
CA ASP A 655 23.08 5.67 13.98
C ASP A 655 22.32 4.34 13.98
N GLY A 656 21.49 4.16 12.95
CA GLY A 656 20.71 2.96 12.80
C GLY A 656 19.25 3.22 13.07
N LEU A 657 18.84 4.46 12.84
CA LEU A 657 17.49 4.89 13.10
C LEU A 657 16.74 5.10 11.82
N ARG A 658 15.81 4.21 11.50
CA ARG A 658 15.07 4.34 10.25
C ARG A 658 14.00 5.42 10.28
N PHE A 659 13.73 5.98 9.10
CA PHE A 659 12.79 7.08 8.97
C PHE A 659 12.19 7.02 7.58
N ALA A 660 10.91 7.35 7.49
CA ALA A 660 10.26 7.44 6.19
C ALA A 660 10.47 8.82 5.61
N ILE A 661 10.22 8.95 4.31
CA ILE A 661 10.27 10.23 3.64
C ILE A 661 8.92 10.43 3.04
N ARG A 662 8.19 11.42 3.52
CA ARG A 662 6.79 11.61 3.12
C ARG A 662 6.53 12.99 2.59
N GLU A 663 5.64 13.06 1.60
CA GLU A 663 5.15 14.34 1.13
C GLU A 663 3.63 14.45 1.30
N GLY A 664 3.23 15.22 2.32
CA GLY A 664 1.82 15.41 2.62
C GLY A 664 1.03 14.13 2.46
N GLY A 665 1.04 13.29 3.48
CA GLY A 665 0.27 12.07 3.45
C GLY A 665 1.05 10.85 2.98
N ARG A 666 1.47 10.87 1.71
CA ARG A 666 2.05 9.69 1.05
C ARG A 666 3.49 9.42 1.42
N THR A 667 3.85 8.14 1.41
CA THR A 667 5.22 7.73 1.72
C THR A 667 5.99 7.44 0.44
N VAL A 668 7.05 8.22 0.19
CA VAL A 668 7.65 8.23 -1.12
C VAL A 668 9.08 7.75 -1.10
N GLY A 669 9.57 7.49 0.09
CA GLY A 669 10.93 7.03 0.26
C GLY A 669 11.12 6.60 1.68
N ALA A 670 12.03 5.67 1.90
CA ALA A 670 12.41 5.25 3.24
C ALA A 670 13.85 5.64 3.39
N GLY A 671 14.52 5.10 4.39
CA GLY A 671 15.93 5.39 4.54
C GLY A 671 16.34 5.40 5.98
N VAL A 672 17.64 5.27 6.21
CA VAL A 672 18.22 5.20 7.55
C VAL A 672 19.26 6.27 7.72
N VAL A 673 19.75 6.45 8.93
CA VAL A 673 20.79 7.45 9.16
C VAL A 673 22.20 6.86 9.19
N ALA A 674 23.06 7.31 8.28
CA ALA A 674 24.44 6.86 8.27
C ALA A 674 25.21 7.39 9.48
N LYS A 675 26.02 8.43 9.28
CA LYS A 675 26.63 9.15 10.41
C LYS A 675 25.81 10.42 10.66
N VAL A 676 25.76 10.87 11.91
CA VAL A 676 24.97 12.04 12.25
C VAL A 676 25.84 13.30 12.30
N LEU A 677 25.81 14.07 11.22
CA LEU A 677 26.69 15.23 11.04
C LEU A 677 26.73 16.23 12.20
N SER A 678 27.59 17.23 12.06
CA SER A 678 27.78 18.27 13.07
C SER A 678 26.54 19.14 13.20
N GLY A 679 26.41 20.12 12.29
CA GLY A 679 25.22 20.96 12.21
C GLY A 679 24.89 21.79 13.44
N ALA A 680 24.34 22.97 13.23
CA ALA A 680 23.95 23.86 14.33
C ALA A 680 22.47 24.24 14.26
N SER A 700 6.84 29.58 -7.30
CA SER A 700 6.16 30.60 -6.51
C SER A 700 5.45 30.04 -5.26
N SER A 701 5.14 30.92 -4.31
CA SER A 701 4.68 30.53 -2.97
C SER A 701 3.74 31.58 -2.35
N ARG A 702 2.78 32.06 -3.16
CA ARG A 702 1.94 33.25 -2.86
C ARG A 702 0.96 33.16 -1.66
N ASN A 703 0.52 34.33 -1.19
CA ASN A 703 -0.38 34.37 -0.03
C ASN A 703 -1.71 35.11 -0.25
N SER A 704 -1.66 36.41 -0.59
CA SER A 704 -2.87 37.16 -0.93
C SER A 704 -3.43 36.58 -2.22
N LEU A 705 -2.98 35.36 -2.51
CA LEU A 705 -3.58 34.47 -3.48
C LEU A 705 -4.47 33.56 -2.68
N SER A 706 -3.87 32.73 -1.84
CA SER A 706 -4.68 31.90 -0.96
C SER A 706 -5.76 32.76 -0.34
N ALA A 707 -5.45 34.03 -0.11
CA ALA A 707 -6.37 34.98 0.48
C ALA A 707 -7.65 35.09 -0.34
N GLN A 708 -7.47 35.16 -1.65
CA GLN A 708 -8.57 35.42 -2.56
C GLN A 708 -9.52 34.24 -2.68
N LEU A 709 -9.03 33.03 -2.46
CA LEU A 709 -9.89 31.87 -2.56
C LEU A 709 -10.74 31.72 -1.30
N ARG A 710 -10.08 31.80 -0.15
CA ARG A 710 -10.76 31.84 1.15
C ARG A 710 -12.07 32.61 1.05
N ARG A 711 -12.02 33.81 0.47
CA ARG A 711 -13.18 34.68 0.37
C ARG A 711 -14.17 34.17 -0.65
N ALA A 712 -13.69 33.87 -1.86
CA ALA A 712 -14.55 33.34 -2.92
C ALA A 712 -15.25 32.11 -2.43
N ALA A 713 -14.52 31.31 -1.68
CA ALA A 713 -15.04 30.06 -1.18
C ALA A 713 -16.27 30.32 -0.36
N ASN A 714 -16.20 31.33 0.48
CA ASN A 714 -17.28 31.65 1.41
C ASN A 714 -18.40 32.44 0.77
N THR A 715 -18.22 32.77 -0.50
CA THR A 715 -19.31 33.29 -1.27
C THR A 715 -20.47 32.32 -1.26
N ARG A 716 -21.68 32.84 -1.24
CA ARG A 716 -22.84 32.02 -1.43
C ARG A 716 -23.22 32.18 -2.87
N ILE A 717 -22.86 31.19 -3.69
CA ILE A 717 -23.25 31.20 -5.11
C ILE A 717 -24.76 31.38 -5.20
N GLU A 718 -25.21 32.37 -5.94
CA GLU A 718 -26.64 32.63 -5.95
C GLU A 718 -27.22 32.71 -7.33
N VAL A 719 -28.40 32.14 -7.45
CA VAL A 719 -29.17 32.09 -8.68
C VAL A 719 -30.61 31.86 -8.32
N GLU A 720 -31.50 32.21 -9.23
CA GLU A 720 -32.92 31.98 -9.01
C GLU A 720 -33.26 30.55 -9.36
N GLY A 721 -34.32 30.05 -8.74
CA GLY A 721 -34.79 28.72 -9.03
C GLY A 721 -34.08 27.63 -8.25
N ASN A 722 -34.53 26.40 -8.47
CA ASN A 722 -33.85 25.23 -7.95
C ASN A 722 -32.66 25.03 -8.86
N LEU A 723 -31.47 25.41 -8.43
CA LEU A 723 -30.33 25.25 -9.30
C LEU A 723 -30.35 23.81 -9.77
N ALA A 724 -29.91 22.89 -8.92
CA ALA A 724 -29.87 21.48 -9.28
C ALA A 724 -30.87 21.11 -10.40
N LEU A 725 -32.16 21.18 -10.08
CA LEU A 725 -33.21 20.82 -11.02
C LEU A 725 -32.94 21.36 -12.41
N SER A 726 -32.11 22.39 -12.51
CA SER A 726 -31.77 22.96 -13.81
C SER A 726 -30.62 22.19 -14.38
N ILE A 727 -29.61 21.93 -13.57
CA ILE A 727 -28.48 21.15 -14.06
C ILE A 727 -29.00 19.84 -14.62
N ALA A 728 -30.03 19.29 -13.99
CA ALA A 728 -30.55 17.99 -14.40
C ALA A 728 -31.29 18.13 -15.68
N ASN A 729 -32.23 19.06 -15.71
CA ASN A 729 -32.99 19.29 -16.91
C ASN A 729 -32.10 19.60 -18.08
N ASP A 730 -31.13 20.49 -17.89
CA ASP A 730 -30.22 20.86 -18.98
C ASP A 730 -29.44 19.65 -19.45
N LEU A 731 -28.99 18.82 -18.50
CA LEU A 731 -28.24 17.58 -18.77
C LEU A 731 -29.05 16.56 -19.58
N LEU A 732 -30.26 16.27 -19.13
CA LEU A 732 -31.19 15.47 -19.91
C LEU A 732 -31.22 15.99 -21.33
N LEU A 733 -31.63 17.23 -21.51
CA LEU A 733 -31.68 17.82 -22.84
C LEU A 733 -30.40 17.60 -23.67
N ALA A 734 -29.23 17.52 -23.03
CA ALA A 734 -27.94 17.39 -23.74
C ALA A 734 -27.80 16.05 -24.40
N TYR A 735 -28.68 15.13 -23.97
CA TYR A 735 -28.68 13.74 -24.37
C TYR A 735 -30.04 13.45 -24.98
N GLY A 736 -30.54 14.37 -25.77
CA GLY A 736 -31.85 14.23 -26.40
C GLY A 736 -32.93 13.52 -25.60
N GLN A 737 -33.02 13.85 -24.31
CA GLN A 737 -34.01 13.22 -23.46
C GLN A 737 -34.78 14.32 -22.80
N SER A 738 -36.09 14.17 -22.68
CA SER A 738 -36.92 15.28 -22.24
C SER A 738 -36.91 15.46 -20.71
N PRO A 739 -36.75 16.71 -20.25
CA PRO A 739 -36.58 17.08 -18.85
C PRO A 739 -37.84 16.87 -18.03
N PHE A 740 -37.71 17.01 -16.71
CA PHE A 740 -38.84 16.98 -15.80
C PHE A 740 -39.58 18.31 -15.92
N ASN A 741 -40.91 18.28 -15.82
CA ASN A 741 -41.71 19.50 -15.95
C ASN A 741 -42.12 20.11 -14.61
N SER A 742 -42.46 19.24 -13.67
CA SER A 742 -42.51 19.64 -12.28
C SER A 742 -41.44 18.83 -11.53
N GLU A 743 -41.00 19.35 -10.39
CA GLU A 743 -40.15 18.57 -9.52
C GLU A 743 -40.93 17.37 -9.03
N ALA A 744 -42.23 17.39 -9.25
CA ALA A 744 -43.08 16.26 -8.92
C ALA A 744 -42.68 15.07 -9.78
N GLU A 745 -42.21 15.34 -10.99
CA GLU A 745 -41.75 14.27 -11.87
C GLU A 745 -40.41 13.73 -11.41
N CYS A 746 -39.51 14.62 -11.03
CA CYS A 746 -38.15 14.28 -10.60
C CYS A 746 -38.00 12.95 -9.93
N ILE A 747 -39.02 12.51 -9.21
CA ILE A 747 -38.91 11.27 -8.44
C ILE A 747 -40.11 10.32 -8.57
N SER A 748 -40.96 10.56 -9.56
CA SER A 748 -42.01 9.60 -9.90
C SER A 748 -41.75 9.07 -11.32
N PHE A 749 -40.48 9.09 -11.70
CA PHE A 749 -40.07 8.64 -13.02
C PHE A 749 -39.33 7.34 -12.90
N SER A 750 -39.91 6.29 -13.51
CA SER A 750 -39.31 4.95 -13.53
C SER A 750 -38.53 4.72 -14.81
N PRO A 751 -37.31 4.17 -14.69
CA PRO A 751 -36.42 3.96 -15.84
C PRO A 751 -37.07 3.04 -16.85
N ARG A 752 -36.46 2.92 -18.01
CA ARG A 752 -36.88 1.86 -18.91
C ARG A 752 -35.76 0.84 -18.84
N PHE A 753 -36.12 -0.44 -18.83
CA PHE A 753 -35.12 -1.47 -18.63
C PHE A 753 -34.71 -2.20 -19.89
N ASP A 754 -35.04 -1.61 -21.04
CA ASP A 754 -34.60 -2.14 -22.33
C ASP A 754 -34.18 -1.02 -23.28
N GLY A 755 -32.94 -1.10 -23.74
CA GLY A 755 -32.41 -0.08 -24.62
C GLY A 755 -30.93 -0.30 -24.68
N THR A 756 -30.28 0.33 -25.65
CA THR A 756 -28.84 0.24 -25.79
C THR A 756 -28.27 0.77 -24.51
N PRO A 757 -27.12 0.25 -24.04
CA PRO A 757 -26.68 0.70 -22.72
C PRO A 757 -26.68 2.24 -22.62
N ASP A 758 -26.15 2.92 -23.63
CA ASP A 758 -26.18 4.37 -23.61
C ASP A 758 -27.61 4.93 -23.45
N ASP A 759 -28.57 4.33 -24.11
CA ASP A 759 -29.96 4.75 -24.01
C ASP A 759 -30.48 4.56 -22.60
N PHE A 760 -29.79 3.72 -21.84
CA PHE A 760 -30.20 3.38 -20.47
C PHE A 760 -29.32 4.04 -19.42
N ARG A 761 -28.03 4.12 -19.68
CA ARG A 761 -27.10 4.77 -18.77
C ARG A 761 -27.60 6.17 -18.43
N ILE A 762 -27.98 6.91 -19.47
CA ILE A 762 -28.59 8.24 -19.38
C ILE A 762 -29.92 8.16 -18.66
N ASN A 763 -30.60 7.04 -18.83
CA ASN A 763 -31.98 6.96 -18.39
C ASN A 763 -32.08 6.68 -16.91
N TYR A 764 -31.25 5.77 -16.45
CA TYR A 764 -31.18 5.45 -15.04
C TYR A 764 -30.76 6.71 -14.33
N LEU A 765 -29.68 7.31 -14.81
CA LEU A 765 -29.23 8.60 -14.31
C LEU A 765 -30.30 9.69 -14.34
N LYS A 766 -31.41 9.45 -15.04
CA LYS A 766 -32.52 10.38 -14.98
C LYS A 766 -33.47 10.03 -13.87
N ALA A 767 -33.73 8.75 -13.75
CA ALA A 767 -34.64 8.27 -12.76
C ALA A 767 -34.04 8.39 -11.37
N GLU A 768 -32.71 8.45 -11.27
CA GLU A 768 -32.06 8.49 -9.96
C GLU A 768 -31.45 9.83 -9.56
N ILE A 769 -30.90 10.58 -10.52
CA ILE A 769 -30.11 11.81 -10.20
C ILE A 769 -30.76 12.75 -9.20
N MET A 770 -32.04 13.04 -9.40
CA MET A 770 -32.78 13.90 -8.49
C MET A 770 -33.71 13.00 -7.72
N SER A 771 -33.19 12.13 -6.89
CA SER A 771 -34.13 11.28 -6.19
C SER A 771 -33.97 11.47 -4.71
N LYS A 772 -32.82 11.96 -4.30
CA LYS A 772 -32.56 12.13 -2.88
C LYS A 772 -32.61 13.59 -2.44
N TYR A 773 -33.17 14.43 -3.31
CA TYR A 773 -33.21 15.88 -3.09
C TYR A 773 -34.12 16.32 -1.93
N ASP A 774 -33.62 17.17 -1.05
CA ASP A 774 -34.32 17.49 0.19
C ASP A 774 -35.11 18.74 0.07
N ASP A 775 -34.51 19.73 -0.58
CA ASP A 775 -35.07 21.07 -0.66
C ASP A 775 -36.23 21.10 -1.62
N PHE A 776 -36.89 19.96 -1.74
CA PHE A 776 -38.00 19.87 -2.67
C PHE A 776 -39.13 20.68 -2.13
N SER A 777 -39.39 21.78 -2.83
CA SER A 777 -40.47 22.69 -2.50
C SER A 777 -41.79 21.95 -2.30
N LEU A 778 -42.75 22.20 -3.19
CA LEU A 778 -44.09 21.68 -2.97
C LEU A 778 -44.06 20.15 -2.76
N GLY A 779 -45.20 19.57 -2.41
CA GLY A 779 -45.22 18.20 -1.95
C GLY A 779 -45.61 18.17 -0.49
N ILE A 780 -46.81 17.64 -0.24
CA ILE A 780 -47.33 17.41 1.11
C ILE A 780 -46.42 16.46 1.91
N ASP A 781 -45.11 16.69 1.78
CA ASP A 781 -44.12 15.70 2.20
C ASP A 781 -43.58 15.88 3.61
N THR A 782 -43.06 14.78 4.17
CA THR A 782 -42.84 14.72 5.60
C THR A 782 -41.78 13.67 6.04
N GLU A 783 -41.49 13.66 7.33
CA GLU A 783 -40.66 12.62 7.92
C GLU A 783 -41.59 11.71 8.71
N ALA A 784 -42.86 12.11 8.80
CA ALA A 784 -43.87 11.38 9.55
C ALA A 784 -44.39 10.22 8.71
N VAL A 785 -44.14 10.28 7.42
CA VAL A 785 -44.36 9.11 6.58
C VAL A 785 -43.38 8.06 7.10
N ALA A 786 -42.13 8.47 7.35
CA ALA A 786 -41.10 7.58 7.84
C ALA A 786 -41.54 6.81 9.09
N TRP A 787 -42.10 7.50 10.07
CA TRP A 787 -42.57 6.83 11.28
C TRP A 787 -43.66 5.81 10.95
N GLU A 788 -44.68 6.24 10.20
CA GLU A 788 -45.77 5.35 9.84
C GLU A 788 -45.21 4.01 9.46
N LYS A 789 -44.21 4.05 8.59
CA LYS A 789 -43.50 2.85 8.13
C LYS A 789 -42.88 2.14 9.30
N PHE A 790 -41.95 2.81 9.96
CA PHE A 790 -41.32 2.26 11.14
C PHE A 790 -42.33 1.59 12.06
N LEU A 791 -43.55 2.12 12.04
CA LEU A 791 -44.64 1.69 12.90
C LEU A 791 -45.38 0.48 12.34
N ALA A 792 -45.18 0.18 11.06
CA ALA A 792 -45.66 -1.08 10.49
C ALA A 792 -44.73 -2.21 10.92
N ALA A 793 -43.46 -2.09 10.56
CA ALA A 793 -42.40 -3.01 11.00
C ALA A 793 -42.86 -3.84 12.20
N GLU A 794 -43.23 -3.15 13.28
CA GLU A 794 -43.79 -3.81 14.44
C GLU A 794 -44.99 -4.67 14.10
N ALA A 795 -46.14 -4.05 13.84
CA ALA A 795 -47.32 -4.83 13.47
C ALA A 795 -46.86 -6.08 12.74
N GLU A 796 -45.97 -5.95 11.76
CA GLU A 796 -45.45 -7.13 11.09
C GLU A 796 -44.74 -8.07 12.06
N CYS A 797 -43.68 -7.59 12.71
CA CYS A 797 -42.94 -8.43 13.65
C CYS A 797 -43.84 -8.97 14.76
N ALA A 798 -45.05 -8.46 14.88
CA ALA A 798 -46.02 -9.07 15.76
C ALA A 798 -46.56 -10.25 14.99
N LEU A 799 -47.34 -9.95 13.96
CA LEU A 799 -47.95 -10.96 13.12
C LEU A 799 -47.06 -12.19 12.98
N THR A 800 -45.76 -11.95 12.74
CA THR A 800 -44.78 -13.04 12.56
C THR A 800 -44.02 -13.51 13.80
N ASN A 801 -43.82 -12.64 14.79
CA ASN A 801 -43.29 -13.10 16.06
C ASN A 801 -44.28 -14.06 16.71
N ALA A 802 -45.56 -13.86 16.37
CA ALA A 802 -46.62 -14.61 17.01
C ALA A 802 -46.78 -15.99 16.37
N ARG A 803 -47.03 -16.02 15.08
CA ARG A 803 -47.22 -17.30 14.40
C ARG A 803 -45.89 -17.97 14.01
N LEU A 804 -44.77 -17.37 14.38
CA LEU A 804 -43.49 -18.06 14.25
C LEU A 804 -43.19 -18.83 15.54
N TYR A 805 -43.96 -18.57 16.60
CA TYR A 805 -43.96 -19.39 17.83
C TYR A 805 -45.21 -20.27 17.84
N ARG A 806 -45.37 -21.05 16.79
CA ARG A 806 -46.52 -21.93 16.66
C ARG A 806 -46.25 -22.92 15.52
N PRO A 807 -45.05 -23.59 15.53
CA PRO A 807 -44.66 -24.53 14.46
C PRO A 807 -45.51 -25.81 14.40
N ASP A 808 -46.73 -25.69 14.96
CA ASP A 808 -47.74 -26.75 14.99
C ASP A 808 -48.96 -26.33 14.19
N TYR A 809 -48.87 -26.44 12.85
CA TYR A 809 -49.95 -26.03 11.95
C TYR A 809 -51.31 -26.61 12.37
N SER A 810 -51.41 -27.95 12.34
CA SER A 810 -52.64 -28.64 12.67
C SER A 810 -52.37 -30.14 12.73
N GLU A 811 -51.54 -30.59 11.81
CA GLU A 811 -51.36 -32.00 11.54
C GLU A 811 -49.86 -32.29 11.51
N ASP A 812 -49.51 -33.41 10.87
CA ASP A 812 -48.13 -33.76 10.54
C ASP A 812 -48.05 -34.24 9.07
N PHE A 813 -49.19 -34.20 8.40
CA PHE A 813 -49.24 -34.52 6.97
C PHE A 813 -48.21 -33.67 6.21
N ASN A 814 -48.43 -32.36 6.15
CA ASN A 814 -47.69 -31.50 5.22
C ASN A 814 -46.58 -30.60 5.81
N PHE A 815 -45.65 -30.23 4.92
CA PHE A 815 -44.41 -29.60 5.31
C PHE A 815 -44.22 -28.30 4.55
N SER A 816 -43.48 -27.37 5.16
CA SER A 816 -43.32 -26.01 4.63
C SER A 816 -41.85 -25.63 4.38
N LEU A 817 -41.62 -24.99 3.23
CA LEU A 817 -40.28 -24.61 2.81
C LEU A 817 -39.64 -23.69 3.84
N GLY A 818 -40.46 -22.83 4.42
CA GLY A 818 -39.93 -21.98 5.45
C GLY A 818 -39.41 -22.80 6.62
N GLU A 819 -40.36 -23.40 7.32
CA GLU A 819 -40.09 -24.12 8.55
C GLU A 819 -38.83 -24.96 8.39
N SER A 820 -38.48 -25.28 7.15
CA SER A 820 -37.36 -26.16 6.86
C SER A 820 -36.04 -25.43 6.82
N CYS A 821 -35.98 -24.37 6.02
CA CYS A 821 -34.77 -23.58 5.92
C CYS A 821 -34.32 -23.09 7.28
N ILE A 822 -35.27 -22.89 8.18
CA ILE A 822 -34.91 -22.42 9.50
C ILE A 822 -34.19 -23.55 10.17
N HIS A 823 -34.64 -24.76 9.91
CA HIS A 823 -34.04 -25.93 10.53
C HIS A 823 -32.64 -26.16 9.98
N MET A 824 -32.49 -26.07 8.67
CA MET A 824 -31.15 -26.13 8.14
C MET A 824 -30.42 -24.94 8.71
N ALA A 825 -30.91 -23.74 8.38
CA ALA A 825 -30.29 -22.49 8.82
C ALA A 825 -29.77 -22.61 10.20
N ARG A 826 -30.64 -23.00 11.13
CA ARG A 826 -30.27 -22.96 12.53
C ARG A 826 -28.96 -23.71 12.74
N ARG A 827 -28.87 -24.93 12.21
CA ARG A 827 -27.70 -25.81 12.37
C ARG A 827 -26.42 -25.18 11.85
N LYS A 828 -26.51 -24.79 10.58
CA LYS A 828 -25.42 -24.14 9.88
C LYS A 828 -24.90 -23.03 10.74
N ILE A 829 -25.80 -22.18 11.22
CA ILE A 829 -25.39 -21.05 12.04
C ILE A 829 -24.58 -21.53 13.23
N ALA A 830 -25.12 -22.52 13.93
CA ALA A 830 -24.47 -23.00 15.14
C ALA A 830 -23.07 -23.54 14.89
N LYS A 831 -22.78 -24.02 13.69
CA LYS A 831 -21.43 -24.53 13.46
C LYS A 831 -20.47 -23.39 13.24
N LEU A 832 -21.00 -22.29 12.72
CA LEU A 832 -20.21 -21.13 12.37
C LEU A 832 -19.91 -20.33 13.62
N ILE A 833 -20.97 -20.07 14.37
CA ILE A 833 -20.99 -19.20 15.55
C ILE A 833 -20.36 -19.84 16.80
N GLY A 834 -21.10 -20.72 17.45
CA GLY A 834 -20.63 -21.41 18.64
C GLY A 834 -21.76 -21.63 19.63
N ASP A 835 -21.42 -22.14 20.81
CA ASP A 835 -22.36 -22.21 21.92
C ASP A 835 -22.81 -20.79 22.33
N VAL A 836 -21.82 -19.94 22.64
CA VAL A 836 -22.04 -18.53 22.94
C VAL A 836 -20.85 -17.71 22.47
N PRO A 837 -20.92 -16.37 22.64
CA PRO A 837 -19.80 -15.51 22.21
C PRO A 837 -18.53 -15.67 23.05
N SER A 838 -17.47 -16.13 22.38
CA SER A 838 -16.15 -16.24 22.96
C SER A 838 -15.88 -15.02 23.81
N VAL A 839 -14.92 -15.11 24.73
CA VAL A 839 -14.58 -13.94 25.51
C VAL A 839 -13.19 -13.49 25.15
N GLU A 840 -12.40 -14.39 24.56
CA GLU A 840 -11.13 -13.99 23.93
C GLU A 840 -11.50 -13.19 22.70
N GLY A 841 -12.79 -13.25 22.37
CA GLY A 841 -13.32 -12.51 21.24
C GLY A 841 -14.11 -11.30 21.71
N MET A 842 -15.12 -11.56 22.54
CA MET A 842 -15.95 -10.50 23.08
C MET A 842 -15.06 -9.39 23.59
N LEU A 843 -13.79 -9.72 23.82
CA LEU A 843 -12.81 -8.79 24.39
C LEU A 843 -12.09 -8.03 23.30
N ARG A 844 -11.64 -8.76 22.28
CA ARG A 844 -10.85 -8.19 21.20
C ARG A 844 -11.71 -7.48 20.17
N HIS A 845 -12.97 -7.22 20.52
CA HIS A 845 -13.96 -6.74 19.57
C HIS A 845 -14.86 -5.63 20.16
N CYS A 846 -14.88 -5.50 21.48
CA CYS A 846 -15.70 -4.50 22.16
C CYS A 846 -14.97 -3.19 22.27
N ARG A 847 -15.48 -2.20 21.56
CA ARG A 847 -14.83 -0.90 21.44
C ARG A 847 -15.86 0.18 21.74
N PHE A 848 -15.51 1.44 21.50
CA PHE A 848 -16.37 2.55 21.90
C PHE A 848 -16.64 3.65 20.89
N SER A 849 -16.81 3.31 19.62
CA SER A 849 -16.86 4.42 18.65
C SER A 849 -18.23 4.89 18.18
N GLY A 850 -18.19 5.79 17.19
CA GLY A 850 -19.36 6.41 16.62
C GLY A 850 -19.58 7.74 17.31
N GLY A 851 -20.54 8.51 16.81
CA GLY A 851 -20.93 9.72 17.50
C GLY A 851 -21.80 9.43 18.71
N ALA A 852 -23.12 9.58 18.56
CA ALA A 852 -24.03 9.85 19.66
C ALA A 852 -24.52 8.66 20.46
N THR A 853 -24.99 8.95 21.68
CA THR A 853 -25.62 7.96 22.54
C THR A 853 -26.82 8.58 23.26
N THR A 854 -27.57 7.77 24.00
CA THR A 854 -28.74 8.26 24.73
C THR A 854 -28.30 9.36 25.72
N THR A 855 -26.98 9.39 25.98
CA THR A 855 -26.39 10.31 26.94
C THR A 855 -25.24 11.16 26.36
N ASN A 856 -24.76 10.82 25.16
CA ASN A 856 -23.89 11.72 24.39
C ASN A 856 -24.65 12.22 23.14
N ASN A 857 -24.02 13.10 22.36
CA ASN A 857 -24.65 13.57 21.13
C ASN A 857 -23.56 13.99 20.16
N ARG A 858 -23.89 14.07 18.88
CA ARG A 858 -22.89 14.36 17.86
C ARG A 858 -21.79 15.22 18.48
N SER A 859 -22.18 16.37 19.03
CA SER A 859 -21.26 17.29 19.72
C SER A 859 -20.17 16.57 20.52
N TYR A 860 -20.57 15.69 21.45
CA TYR A 860 -19.62 14.87 22.18
C TYR A 860 -19.71 13.43 21.76
N GLY A 861 -19.51 13.15 20.49
CA GLY A 861 -19.57 11.80 19.97
C GLY A 861 -18.30 10.97 20.06
N HIS A 862 -17.18 11.56 19.67
CA HIS A 862 -15.87 10.92 19.69
C HIS A 862 -15.71 10.14 20.98
N PRO A 863 -15.17 8.92 20.89
CA PRO A 863 -14.97 7.96 21.98
C PRO A 863 -14.55 8.52 23.35
N SER A 864 -13.63 9.48 23.40
CA SER A 864 -13.13 9.97 24.69
C SER A 864 -14.21 10.61 25.52
N PHE A 865 -15.21 11.16 24.85
CA PHE A 865 -16.39 11.66 25.53
C PHE A 865 -17.28 10.55 26.11
N LYS A 866 -17.05 9.30 25.73
CA LYS A 866 -17.85 8.20 26.21
C LYS A 866 -17.19 7.61 27.44
N PHE A 867 -15.87 7.79 27.50
CA PHE A 867 -15.00 7.35 28.58
C PHE A 867 -14.89 8.40 29.68
N ALA A 868 -15.16 9.64 29.29
CA ALA A 868 -15.26 10.75 30.22
C ALA A 868 -16.61 10.74 30.91
N LEU A 869 -17.65 10.94 30.13
CA LEU A 869 -19.01 10.97 30.65
C LEU A 869 -19.57 9.58 31.00
N PRO A 870 -20.34 9.53 32.09
CA PRO A 870 -21.18 8.41 32.51
C PRO A 870 -22.22 8.05 31.47
N GLN A 871 -22.01 6.92 30.79
CA GLN A 871 -22.88 6.45 29.71
C GLN A 871 -24.06 5.70 30.25
N ALA A 872 -25.14 5.67 29.48
CA ALA A 872 -26.34 4.99 29.96
C ALA A 872 -26.03 3.52 30.21
N CYS A 873 -27.03 2.66 30.02
CA CYS A 873 -26.90 1.21 30.21
C CYS A 873 -28.26 0.56 30.44
N THR A 874 -28.54 -0.50 29.71
CA THR A 874 -29.79 -1.19 29.83
C THR A 874 -29.66 -2.03 31.11
N PRO A 875 -30.78 -2.37 31.77
CA PRO A 875 -30.73 -3.18 32.99
C PRO A 875 -30.06 -4.53 32.75
N ARG A 876 -30.55 -5.23 31.74
CA ARG A 876 -30.09 -6.57 31.41
C ARG A 876 -28.61 -6.64 31.10
N ALA A 877 -28.05 -5.51 30.69
CA ALA A 877 -26.65 -5.42 30.25
C ALA A 877 -25.72 -5.05 31.39
N LEU A 878 -26.31 -4.68 32.51
CA LEU A 878 -25.57 -4.23 33.69
C LEU A 878 -24.43 -5.18 34.07
N LYS A 879 -24.69 -6.47 33.99
CA LYS A 879 -23.72 -7.48 34.42
C LYS A 879 -22.37 -7.46 33.65
N TYR A 880 -22.41 -6.91 32.44
CA TYR A 880 -21.24 -6.86 31.58
C TYR A 880 -20.44 -5.66 31.99
N VAL A 881 -21.16 -4.56 32.20
CA VAL A 881 -20.56 -3.26 32.49
C VAL A 881 -19.67 -3.33 33.70
N LEU A 882 -20.05 -4.16 34.66
CA LEU A 882 -19.29 -4.31 35.89
C LEU A 882 -18.12 -5.20 35.62
N ALA A 883 -18.38 -6.27 34.87
CA ALA A 883 -17.35 -7.20 34.45
C ALA A 883 -16.13 -6.40 34.02
N LEU A 884 -16.41 -5.33 33.28
CA LEU A 884 -15.40 -4.41 32.80
C LEU A 884 -14.85 -3.63 33.97
N ARG A 885 -15.74 -3.15 34.82
CA ARG A 885 -15.36 -2.36 35.98
C ARG A 885 -14.38 -3.15 36.83
N ALA A 886 -14.52 -4.48 36.76
CA ALA A 886 -13.68 -5.40 37.52
C ALA A 886 -12.42 -5.74 36.75
N SER A 887 -12.37 -5.32 35.48
CA SER A 887 -11.24 -5.59 34.64
C SER A 887 -10.21 -4.47 34.64
N THR A 888 -10.62 -3.30 35.13
CA THR A 888 -9.72 -2.16 35.14
C THR A 888 -9.87 -1.33 36.42
N HIS A 889 -8.86 -0.51 36.70
CA HIS A 889 -8.87 0.35 37.87
C HIS A 889 -9.47 1.69 37.48
N PHE A 890 -9.56 1.96 36.19
CA PHE A 890 -10.17 3.19 35.75
C PHE A 890 -11.67 3.17 36.06
N ASP A 891 -12.28 4.33 36.16
CA ASP A 891 -13.61 4.45 36.71
C ASP A 891 -14.74 4.16 35.71
N ILE A 892 -14.76 2.96 35.15
CA ILE A 892 -15.91 2.58 34.35
C ILE A 892 -17.11 2.94 35.18
N ARG A 893 -17.78 4.02 34.82
CA ARG A 893 -18.91 4.47 35.62
C ARG A 893 -20.18 4.57 34.79
N ILE A 894 -21.23 3.91 35.27
CA ILE A 894 -22.53 3.92 34.61
C ILE A 894 -23.47 4.99 35.18
N SER A 895 -23.91 5.90 34.30
CA SER A 895 -24.87 6.93 34.67
C SER A 895 -26.22 6.26 34.63
N ASP A 896 -27.27 7.05 34.44
CA ASP A 896 -28.66 6.55 34.54
C ASP A 896 -28.87 5.19 33.86
N ILE A 897 -29.46 4.23 34.57
CA ILE A 897 -29.69 2.88 34.04
C ILE A 897 -31.16 2.63 33.65
N SER A 898 -31.36 2.23 32.39
CA SER A 898 -32.67 2.20 31.75
C SER A 898 -32.76 1.25 30.54
N PRO A 899 -33.97 0.84 30.16
CA PRO A 899 -34.17 -0.13 29.09
C PRO A 899 -34.55 0.60 27.81
N PHE A 900 -34.42 1.92 27.79
CA PHE A 900 -34.86 2.69 26.64
C PHE A 900 -33.76 3.14 25.69
N ASN A 901 -34.12 3.29 24.41
CA ASN A 901 -33.27 3.97 23.44
C ASN A 901 -34.11 5.01 22.70
N LYS A 902 -33.45 6.01 22.11
CA LYS A 902 -34.13 7.11 21.42
C LYS A 902 -34.28 6.81 19.93
N ALA A 903 -35.51 6.79 19.46
CA ALA A 903 -35.77 6.59 18.04
C ALA A 903 -35.95 7.94 17.37
N VAL A 904 -35.25 8.15 16.26
CA VAL A 904 -35.15 9.47 15.67
C VAL A 904 -35.29 9.52 14.15
N THR A 905 -34.69 10.53 13.51
CA THR A 905 -34.84 10.75 12.08
C THR A 905 -33.57 11.25 11.36
N VAL A 906 -32.90 10.35 10.62
CA VAL A 906 -31.88 10.74 9.65
C VAL A 906 -32.56 10.65 8.27
N PRO A 907 -32.24 11.57 7.36
CA PRO A 907 -32.99 11.64 6.11
C PRO A 907 -32.58 10.56 5.10
N LYS A 908 -33.51 10.13 4.26
CA LYS A 908 -33.26 9.04 3.31
C LYS A 908 -33.55 9.46 1.87
N ASN A 909 -34.83 9.40 1.50
CA ASN A 909 -35.28 9.80 0.17
C ASN A 909 -35.84 11.20 0.10
N SER A 910 -36.38 11.52 -1.07
CA SER A 910 -37.12 12.77 -1.28
C SER A 910 -38.54 12.66 -0.72
N LYS A 911 -38.91 11.42 -0.38
CA LYS A 911 -40.25 11.09 0.10
C LYS A 911 -40.33 10.28 1.41
N THR A 912 -39.21 10.09 2.09
CA THR A 912 -39.24 9.45 3.41
C THR A 912 -37.92 9.53 4.15
N ASP A 913 -37.99 9.66 5.46
CA ASP A 913 -36.78 9.68 6.29
C ASP A 913 -36.46 8.26 6.78
N ARG A 914 -35.31 8.07 7.42
CA ARG A 914 -34.98 6.77 7.98
C ARG A 914 -35.28 6.81 9.47
N CYS A 915 -35.51 5.66 10.09
CA CYS A 915 -35.92 5.60 11.51
C CYS A 915 -34.89 4.92 12.43
N ILE A 916 -34.10 5.70 13.15
CA ILE A 916 -32.94 5.14 13.85
C ILE A 916 -33.15 4.95 15.34
N ALA A 917 -32.18 4.34 16.01
CA ALA A 917 -32.17 4.28 17.46
C ALA A 917 -30.81 4.71 17.93
N ILE A 918 -30.76 5.65 18.86
CA ILE A 918 -29.53 6.02 19.54
C ILE A 918 -29.45 5.10 20.71
N GLU A 919 -28.51 4.18 20.71
CA GLU A 919 -28.50 3.19 21.77
C GLU A 919 -28.05 3.78 23.11
N PRO A 920 -28.34 3.10 24.21
CA PRO A 920 -27.61 3.58 25.37
C PRO A 920 -26.14 3.20 25.29
N GLY A 921 -25.27 4.18 25.48
CA GLY A 921 -23.84 4.00 25.36
C GLY A 921 -23.20 2.68 25.72
N TRP A 922 -23.37 2.20 26.95
CA TRP A 922 -22.66 1.00 27.43
C TRP A 922 -23.12 -0.26 26.72
N ASN A 923 -24.37 -0.25 26.26
CA ASN A 923 -24.86 -1.33 25.43
C ASN A 923 -24.05 -1.35 24.16
N MET A 924 -23.94 -0.18 23.55
CA MET A 924 -23.16 -0.06 22.35
C MET A 924 -21.74 -0.62 22.51
N PHE A 925 -21.06 -0.27 23.60
CA PHE A 925 -19.67 -0.69 23.79
C PHE A 925 -19.53 -2.21 23.72
N PHE A 926 -20.66 -2.90 23.92
CA PHE A 926 -20.69 -4.35 23.86
C PHE A 926 -21.36 -4.84 22.60
N GLN A 927 -22.42 -4.16 22.19
CA GLN A 927 -23.03 -4.49 20.91
C GLN A 927 -21.98 -4.56 19.81
N LEU A 928 -20.82 -3.98 20.08
CA LEU A 928 -19.79 -3.90 19.06
C LEU A 928 -18.86 -5.06 19.22
N GLY A 929 -18.94 -5.68 20.38
CA GLY A 929 -18.22 -6.93 20.52
C GLY A 929 -18.81 -7.98 19.61
N ILE A 930 -20.12 -8.22 19.73
CA ILE A 930 -20.75 -9.27 18.97
C ILE A 930 -21.07 -8.85 17.55
N GLY A 931 -21.26 -7.57 17.33
CA GLY A 931 -21.31 -7.12 15.95
C GLY A 931 -19.96 -7.38 15.32
N GLY A 932 -18.92 -7.32 16.13
CA GLY A 932 -17.59 -7.45 15.62
C GLY A 932 -17.31 -8.90 15.35
N ILE A 933 -17.60 -9.77 16.32
CA ILE A 933 -17.25 -11.15 16.13
C ILE A 933 -18.13 -11.81 15.08
N LEU A 934 -19.44 -11.57 15.11
CA LEU A 934 -20.29 -11.89 13.98
C LEU A 934 -19.66 -11.53 12.61
N ARG A 935 -18.66 -10.68 12.62
CA ARG A 935 -18.07 -10.24 11.38
C ARG A 935 -17.04 -11.25 11.04
N ASP A 936 -16.14 -11.43 11.99
CA ASP A 936 -14.93 -12.21 11.82
C ASP A 936 -15.30 -13.61 11.43
N ARG A 937 -16.47 -14.03 11.90
CA ARG A 937 -16.93 -15.40 11.76
C ARG A 937 -17.62 -15.53 10.44
N LEU A 938 -18.46 -14.56 10.12
CA LEU A 938 -19.20 -14.57 8.88
C LEU A 938 -18.23 -14.65 7.71
N ARG A 939 -16.94 -14.81 8.03
CA ARG A 939 -15.85 -14.84 7.06
C ARG A 939 -15.66 -16.23 6.52
N CYS A 940 -15.79 -17.22 7.37
CA CYS A 940 -15.70 -18.60 6.93
C CYS A 940 -16.73 -18.87 5.83
N TRP A 941 -17.98 -18.52 6.07
CA TRP A 941 -19.05 -18.62 5.06
C TRP A 941 -18.76 -17.90 3.76
N GLY A 942 -17.72 -17.10 3.75
CA GLY A 942 -17.29 -16.48 2.52
C GLY A 942 -17.60 -15.01 2.52
N ILE A 943 -18.38 -14.57 3.51
CA ILE A 943 -18.81 -13.18 3.52
C ILE A 943 -17.79 -12.21 4.15
N ASP A 944 -17.30 -11.27 3.35
CA ASP A 944 -16.39 -10.26 3.84
C ASP A 944 -17.13 -8.94 3.91
N LEU A 945 -17.46 -8.52 5.13
CA LEU A 945 -18.20 -7.27 5.37
C LEU A 945 -17.30 -6.01 5.32
N ASN A 946 -15.99 -6.22 5.26
CA ASN A 946 -15.03 -5.13 5.18
C ASN A 946 -14.68 -4.75 3.78
N ASP A 947 -15.60 -4.92 2.86
CA ASP A 947 -15.22 -4.85 1.47
C ASP A 947 -16.45 -4.93 0.59
N GLN A 948 -17.09 -3.80 0.35
CA GLN A 948 -18.32 -3.80 -0.41
C GLN A 948 -17.98 -4.19 -1.82
N THR A 949 -16.71 -4.54 -2.02
CA THR A 949 -16.15 -4.69 -3.34
C THR A 949 -16.39 -6.07 -3.91
N ILE A 950 -16.12 -7.12 -3.14
CA ILE A 950 -16.37 -8.45 -3.67
C ILE A 950 -17.83 -8.55 -4.03
N ASN A 951 -18.68 -7.82 -3.31
CA ASN A 951 -20.11 -7.90 -3.53
C ASN A 951 -20.70 -7.01 -4.62
N GLN A 952 -19.91 -6.09 -5.15
CA GLN A 952 -20.39 -5.31 -6.26
C GLN A 952 -19.65 -5.72 -7.50
N ARG A 953 -18.55 -6.44 -7.31
CA ARG A 953 -17.80 -7.00 -8.40
C ARG A 953 -18.69 -8.00 -9.09
N ARG A 954 -19.45 -8.71 -8.27
CA ARG A 954 -20.34 -9.72 -8.75
C ARG A 954 -21.58 -9.08 -9.28
N ALA A 955 -22.06 -8.04 -8.64
CA ALA A 955 -23.24 -7.38 -9.17
C ALA A 955 -23.14 -7.32 -10.70
N HIS A 956 -21.89 -7.25 -11.18
CA HIS A 956 -21.48 -7.07 -12.59
C HIS A 956 -21.52 -8.35 -13.44
N GLU A 957 -20.91 -9.41 -12.93
CA GLU A 957 -21.12 -10.74 -13.47
C GLU A 957 -22.62 -10.80 -13.74
N GLY A 958 -23.41 -11.00 -12.70
CA GLY A 958 -24.87 -10.98 -12.76
C GLY A 958 -25.42 -10.36 -14.03
N SER A 959 -25.14 -9.08 -14.23
CA SER A 959 -25.70 -8.35 -15.34
C SER A 959 -25.28 -8.91 -16.69
N VAL A 960 -24.19 -9.67 -16.70
CA VAL A 960 -23.69 -10.22 -17.97
C VAL A 960 -24.04 -11.70 -18.14
N THR A 961 -23.77 -12.50 -17.11
CA THR A 961 -24.04 -13.94 -17.12
C THR A 961 -25.49 -14.28 -16.75
N ASN A 962 -26.23 -13.31 -16.28
CA ASN A 962 -27.63 -13.51 -15.93
C ASN A 962 -27.91 -14.67 -15.03
N ASN A 963 -26.87 -15.25 -14.44
CA ASN A 963 -27.00 -16.31 -13.44
C ASN A 963 -27.15 -15.84 -11.99
N LEU A 964 -26.23 -15.02 -11.50
CA LEU A 964 -26.41 -14.42 -10.18
C LEU A 964 -27.53 -13.39 -10.19
N ALA A 965 -28.22 -13.25 -9.06
CA ALA A 965 -29.26 -12.25 -8.94
C ALA A 965 -28.89 -11.38 -7.77
N THR A 966 -29.47 -10.21 -7.69
CA THR A 966 -29.25 -9.34 -6.57
C THR A 966 -30.61 -9.12 -5.92
N VAL A 967 -30.69 -9.21 -4.61
CA VAL A 967 -31.97 -9.01 -3.99
C VAL A 967 -31.88 -7.89 -2.99
N ASP A 968 -32.91 -7.05 -3.01
CA ASP A 968 -33.05 -6.00 -2.01
C ASP A 968 -34.19 -6.42 -1.12
N LEU A 969 -34.07 -6.05 0.13
CA LEU A 969 -35.16 -6.16 1.07
C LEU A 969 -35.51 -4.75 1.51
N SER A 970 -36.77 -4.59 1.90
CA SER A 970 -37.27 -3.35 2.43
C SER A 970 -36.70 -3.01 3.79
N ALA A 971 -37.54 -2.98 4.80
CA ALA A 971 -37.09 -2.42 6.05
C ALA A 971 -36.15 -3.39 6.69
N ALA A 972 -34.95 -3.52 6.12
CA ALA A 972 -34.11 -4.67 6.42
C ALA A 972 -34.10 -5.01 7.90
N SER A 973 -33.21 -4.40 8.66
CA SER A 973 -33.02 -4.74 10.05
C SER A 973 -34.29 -4.58 10.89
N ASP A 974 -35.31 -3.93 10.31
CA ASP A 974 -36.52 -3.61 11.04
C ASP A 974 -37.54 -4.76 11.10
N SER A 975 -37.34 -5.80 10.30
CA SER A 975 -38.30 -6.90 10.26
C SER A 975 -37.79 -8.19 10.88
N ILE A 976 -36.50 -8.24 11.21
CA ILE A 976 -35.92 -9.35 11.93
C ILE A 976 -36.56 -9.52 13.30
N SER A 977 -37.64 -10.27 13.41
CA SER A 977 -38.32 -10.47 14.71
C SER A 977 -37.48 -11.27 15.68
N LEU A 978 -37.83 -11.26 16.96
CA LEU A 978 -37.04 -12.03 17.90
C LEU A 978 -37.30 -13.50 17.62
N ALA A 979 -38.57 -13.80 17.35
CA ALA A 979 -39.02 -15.09 16.86
C ALA A 979 -37.98 -15.64 15.93
N LEU A 980 -38.00 -15.13 14.69
CA LEU A 980 -37.08 -15.63 13.67
C LEU A 980 -35.67 -15.60 14.15
N CYS A 981 -35.39 -14.75 15.13
CA CYS A 981 -34.03 -14.64 15.59
C CYS A 981 -33.69 -15.70 16.64
N GLU A 982 -34.72 -16.24 17.26
CA GLU A 982 -34.55 -17.19 18.34
C GLU A 982 -34.42 -18.62 17.85
N LEU A 983 -35.39 -19.05 17.07
CA LEU A 983 -35.40 -20.40 16.56
C LEU A 983 -34.24 -20.58 15.59
N LEU A 984 -33.53 -19.49 15.30
CA LEU A 984 -32.40 -19.47 14.37
C LEU A 984 -31.00 -19.40 15.03
N LEU A 985 -30.92 -18.79 16.21
CA LEU A 985 -29.65 -18.67 16.92
C LEU A 985 -29.46 -19.65 18.09
N PRO A 986 -28.20 -19.97 18.45
CA PRO A 986 -27.91 -20.76 19.64
C PRO A 986 -28.50 -20.04 20.83
N PRO A 987 -28.90 -20.76 21.88
CA PRO A 987 -29.62 -20.06 22.95
C PRO A 987 -28.69 -19.26 23.85
N GLY A 988 -27.41 -19.59 23.86
CA GLY A 988 -26.44 -18.78 24.56
C GLY A 988 -26.14 -17.48 23.85
N TRP A 989 -26.13 -17.52 22.52
CA TRP A 989 -25.99 -16.32 21.75
C TRP A 989 -27.26 -15.55 21.96
N PHE A 990 -28.38 -16.18 21.66
CA PHE A 990 -29.64 -15.47 21.72
C PHE A 990 -29.91 -14.77 23.04
N GLU A 991 -29.15 -15.09 24.08
CA GLU A 991 -29.25 -14.34 25.33
C GLU A 991 -28.29 -13.18 25.31
N VAL A 992 -27.02 -13.51 25.11
CA VAL A 992 -26.01 -12.47 25.11
C VAL A 992 -26.48 -11.48 24.09
N LEU A 993 -27.41 -11.90 23.26
CA LEU A 993 -27.99 -11.03 22.28
C LEU A 993 -29.22 -10.31 22.80
N MET A 994 -30.02 -10.97 23.62
CA MET A 994 -31.17 -10.30 24.24
C MET A 994 -30.70 -9.26 25.26
N ASP A 995 -29.59 -9.58 25.91
CA ASP A 995 -29.11 -8.78 27.04
C ASP A 995 -28.72 -7.38 26.58
N LEU A 996 -28.14 -7.29 25.39
CA LEU A 996 -27.46 -6.06 24.99
C LEU A 996 -28.33 -5.17 24.15
N ARG A 997 -29.46 -5.70 23.71
CA ARG A 997 -30.35 -4.95 22.84
C ARG A 997 -31.21 -3.97 23.62
N SER A 998 -31.71 -2.95 22.94
CA SER A 998 -32.71 -2.09 23.55
C SER A 998 -34.11 -2.63 23.28
N PRO A 999 -34.83 -3.00 24.36
CA PRO A 999 -36.15 -3.63 24.36
C PRO A 999 -37.32 -2.64 24.28
N LYS A 1000 -37.11 -1.44 24.81
CA LYS A 1000 -38.08 -0.35 24.69
C LYS A 1000 -37.42 0.84 24.00
N GLY A 1001 -38.22 1.79 23.51
CA GLY A 1001 -37.66 3.00 22.93
C GLY A 1001 -38.59 4.17 23.15
N ARG A 1002 -38.05 5.38 23.14
CA ARG A 1002 -38.89 6.58 23.23
C ARG A 1002 -38.77 7.52 22.05
N LEU A 1003 -39.88 7.69 21.37
CA LEU A 1003 -39.94 8.50 20.17
C LEU A 1003 -40.05 9.99 20.47
N PRO A 1004 -39.87 10.83 19.44
CA PRO A 1004 -40.19 12.23 19.67
C PRO A 1004 -41.68 12.35 20.00
N ASP A 1005 -42.52 11.49 19.41
CA ASP A 1005 -43.98 11.49 19.62
C ASP A 1005 -44.36 11.39 21.11
N GLY A 1006 -43.36 11.35 21.98
CA GLY A 1006 -43.52 11.28 23.43
C GLY A 1006 -43.71 9.87 23.94
N SER A 1007 -44.41 9.07 23.12
CA SER A 1007 -44.82 7.70 23.42
C SER A 1007 -43.69 6.67 23.37
N VAL A 1008 -44.03 5.44 23.72
CA VAL A 1008 -43.06 4.36 23.77
C VAL A 1008 -43.45 3.20 22.88
N VAL A 1009 -42.46 2.38 22.55
CA VAL A 1009 -42.70 1.05 22.02
C VAL A 1009 -41.75 0.07 22.65
N THR A 1010 -42.14 -1.20 22.58
CA THR A 1010 -41.46 -2.32 23.22
C THR A 1010 -40.85 -3.30 22.20
N TYR A 1011 -40.01 -2.76 21.33
CA TYR A 1011 -39.50 -3.48 20.16
C TYR A 1011 -39.98 -4.94 19.96
N GLU A 1012 -40.67 -5.16 18.85
CA GLU A 1012 -41.01 -6.49 18.37
C GLU A 1012 -39.84 -7.03 17.57
N LYS A 1013 -39.11 -6.16 16.89
CA LYS A 1013 -37.87 -6.53 16.22
C LYS A 1013 -36.76 -6.78 17.21
N ILE A 1014 -35.81 -7.64 16.87
CA ILE A 1014 -34.74 -7.95 17.79
C ILE A 1014 -33.83 -6.76 17.90
N SER A 1015 -33.78 -5.96 16.83
CA SER A 1015 -32.81 -4.88 16.79
C SER A 1015 -33.12 -3.87 15.69
N SER A 1016 -32.93 -2.61 16.03
CA SER A 1016 -33.16 -1.52 15.09
C SER A 1016 -31.83 -1.12 14.48
N MET A 1017 -31.86 -0.58 13.26
CA MET A 1017 -30.64 -0.03 12.72
C MET A 1017 -30.31 1.06 13.69
N GLY A 1018 -29.05 1.17 14.03
CA GLY A 1018 -28.62 2.02 15.12
C GLY A 1018 -27.92 1.10 16.06
N ASN A 1019 -28.42 -0.12 16.14
CA ASN A 1019 -27.82 -1.10 17.02
C ASN A 1019 -26.41 -1.50 16.64
N GLY A 1020 -25.62 -1.91 17.62
CA GLY A 1020 -24.20 -2.17 17.41
C GLY A 1020 -23.86 -3.44 16.65
N TYR A 1021 -24.76 -4.43 16.70
CA TYR A 1021 -24.58 -5.69 15.97
C TYR A 1021 -25.64 -5.92 14.90
N THR A 1022 -26.58 -5.00 14.78
CA THR A 1022 -27.72 -5.21 13.92
C THR A 1022 -27.34 -5.55 12.46
N PHE A 1023 -26.12 -5.19 12.05
CA PHE A 1023 -25.63 -5.36 10.67
C PHE A 1023 -25.06 -6.73 10.48
N GLU A 1024 -24.02 -7.03 11.24
CA GLU A 1024 -23.39 -8.32 11.16
C GLU A 1024 -24.40 -9.41 11.44
N LEU A 1025 -25.56 -9.03 11.97
CA LEU A 1025 -26.59 -9.99 12.28
C LEU A 1025 -27.48 -10.18 11.10
N GLU A 1026 -28.14 -9.14 10.66
CA GLU A 1026 -28.89 -9.27 9.42
C GLU A 1026 -28.04 -9.89 8.31
N SER A 1027 -26.75 -9.58 8.25
CA SER A 1027 -25.89 -10.24 7.28
C SER A 1027 -25.95 -11.76 7.45
N LEU A 1028 -25.71 -12.19 8.67
CA LEU A 1028 -25.64 -13.59 8.99
C LEU A 1028 -26.98 -14.29 8.88
N ILE A 1029 -28.05 -13.62 9.29
CA ILE A 1029 -29.35 -14.25 9.18
C ILE A 1029 -29.68 -14.42 7.71
N PHE A 1030 -29.63 -13.32 6.96
CA PHE A 1030 -29.86 -13.39 5.52
C PHE A 1030 -29.00 -14.44 4.84
N ALA A 1031 -27.68 -14.32 4.97
CA ALA A 1031 -26.72 -15.28 4.38
C ALA A 1031 -27.06 -16.74 4.64
N SER A 1032 -27.28 -17.08 5.90
CA SER A 1032 -27.64 -18.43 6.29
C SER A 1032 -28.93 -18.81 5.61
N LEU A 1033 -29.91 -17.93 5.74
CA LEU A 1033 -31.21 -18.22 5.16
C LEU A 1033 -31.10 -18.57 3.69
N ALA A 1034 -30.13 -17.98 3.00
CA ALA A 1034 -30.02 -18.15 1.56
C ALA A 1034 -29.21 -19.39 1.30
N ARG A 1035 -28.15 -19.57 2.07
CA ARG A 1035 -27.35 -20.77 1.98
C ARG A 1035 -28.19 -22.01 2.13
N SER A 1036 -29.22 -21.94 2.94
CA SER A 1036 -30.08 -23.08 3.06
C SER A 1036 -30.94 -23.20 1.84
N VAL A 1037 -31.43 -22.08 1.30
CA VAL A 1037 -32.21 -22.18 0.08
C VAL A 1037 -31.32 -22.74 -1.01
N CYS A 1038 -30.03 -22.46 -0.92
CA CYS A 1038 -29.07 -23.13 -1.81
C CYS A 1038 -29.08 -24.67 -1.69
N GLU A 1039 -28.90 -25.23 -0.50
CA GLU A 1039 -28.80 -26.67 -0.40
C GLU A 1039 -30.05 -27.36 -0.86
N ILE A 1040 -31.21 -26.88 -0.43
CA ILE A 1040 -32.47 -27.53 -0.82
C ILE A 1040 -32.68 -27.50 -2.33
N LEU A 1041 -31.96 -26.65 -3.04
CA LEU A 1041 -32.10 -26.56 -4.49
C LEU A 1041 -30.86 -27.09 -5.20
N ASP A 1042 -30.05 -27.82 -4.44
CA ASP A 1042 -28.81 -28.39 -4.94
C ASP A 1042 -27.88 -27.40 -5.67
N LEU A 1043 -27.65 -26.22 -5.09
CA LEU A 1043 -26.79 -25.21 -5.70
C LEU A 1043 -25.66 -24.95 -4.77
N ASP A 1044 -24.48 -24.70 -5.31
CA ASP A 1044 -23.24 -24.53 -4.53
C ASP A 1044 -23.34 -23.39 -3.52
N SER A 1045 -23.67 -23.70 -2.26
CA SER A 1045 -23.92 -22.68 -1.23
C SER A 1045 -22.98 -21.50 -1.41
N SER A 1046 -21.69 -21.81 -1.56
CA SER A 1046 -20.63 -20.79 -1.72
C SER A 1046 -20.89 -19.74 -2.79
N GLU A 1047 -21.99 -19.86 -3.51
CA GLU A 1047 -22.32 -18.89 -4.55
C GLU A 1047 -23.17 -17.77 -3.97
N VAL A 1048 -23.55 -17.92 -2.71
CA VAL A 1048 -24.29 -16.90 -1.94
C VAL A 1048 -23.37 -15.94 -1.26
N THR A 1049 -23.46 -14.68 -1.66
CA THR A 1049 -22.71 -13.64 -1.01
C THR A 1049 -23.61 -12.46 -0.59
N VAL A 1050 -23.56 -12.12 0.70
CA VAL A 1050 -24.42 -11.13 1.30
C VAL A 1050 -23.68 -10.00 2.02
N TYR A 1051 -24.29 -8.82 2.06
CA TYR A 1051 -23.76 -7.63 2.72
C TYR A 1051 -24.90 -6.86 3.36
N GLY A 1052 -25.16 -7.11 4.63
CA GLY A 1052 -26.31 -6.50 5.24
C GLY A 1052 -27.52 -6.92 4.44
N ASP A 1053 -28.07 -6.00 3.67
CA ASP A 1053 -29.32 -6.24 3.01
C ASP A 1053 -29.04 -6.70 1.60
N ASP A 1054 -27.88 -6.31 1.07
CA ASP A 1054 -27.53 -6.65 -0.30
C ASP A 1054 -27.07 -8.08 -0.43
N ILE A 1055 -28.00 -8.96 -0.79
CA ILE A 1055 -27.74 -10.39 -1.01
C ILE A 1055 -27.52 -10.65 -2.49
N ILE A 1056 -26.50 -11.44 -2.83
CA ILE A 1056 -26.31 -11.95 -4.20
C ILE A 1056 -26.19 -13.45 -4.19
N LEU A 1057 -27.19 -14.14 -4.74
CA LEU A 1057 -27.19 -15.59 -4.76
C LEU A 1057 -27.65 -16.08 -6.14
N PRO A 1058 -27.23 -17.31 -6.54
CA PRO A 1058 -27.65 -17.96 -7.78
C PRO A 1058 -29.11 -17.72 -8.11
N SER A 1059 -29.41 -17.26 -9.31
CA SER A 1059 -30.77 -16.80 -9.67
C SER A 1059 -31.92 -17.77 -9.45
N CYS A 1060 -31.67 -19.06 -9.60
CA CYS A 1060 -32.68 -20.09 -9.28
C CYS A 1060 -33.19 -20.00 -7.84
N ALA A 1061 -32.34 -19.54 -6.94
CA ALA A 1061 -32.71 -19.53 -5.54
C ALA A 1061 -33.83 -18.55 -5.32
N VAL A 1062 -33.91 -17.55 -6.21
CA VAL A 1062 -34.71 -16.32 -5.97
C VAL A 1062 -36.24 -16.50 -5.76
N PRO A 1063 -36.87 -17.48 -6.43
CA PRO A 1063 -38.25 -17.85 -6.07
C PRO A 1063 -38.38 -18.57 -4.71
N ALA A 1064 -37.43 -19.44 -4.38
CA ALA A 1064 -37.42 -20.10 -3.07
C ALA A 1064 -37.02 -19.12 -1.99
N LEU A 1065 -35.86 -18.48 -2.17
CA LEU A 1065 -35.42 -17.41 -1.31
C LEU A 1065 -36.51 -16.41 -1.16
N ARG A 1066 -37.38 -16.31 -2.15
CA ARG A 1066 -38.54 -15.43 -2.01
C ARG A 1066 -39.69 -16.02 -1.20
N GLU A 1067 -40.03 -17.29 -1.45
CA GLU A 1067 -41.07 -17.92 -0.68
C GLU A 1067 -40.64 -18.05 0.78
N VAL A 1068 -39.35 -18.25 1.00
CA VAL A 1068 -38.80 -18.28 2.37
C VAL A 1068 -38.88 -16.91 3.02
N PHE A 1069 -38.25 -15.92 2.39
CA PHE A 1069 -38.26 -14.59 2.94
C PHE A 1069 -39.66 -14.16 3.28
N LYS A 1070 -40.63 -14.53 2.45
CA LYS A 1070 -42.02 -14.36 2.85
C LYS A 1070 -42.20 -15.00 4.22
N TYR A 1071 -42.40 -16.31 4.27
CA TYR A 1071 -42.71 -17.02 5.53
C TYR A 1071 -42.03 -16.47 6.78
N VAL A 1072 -40.76 -16.11 6.68
CA VAL A 1072 -39.98 -15.86 7.89
C VAL A 1072 -40.02 -14.42 8.39
N GLY A 1073 -40.89 -13.60 7.79
CA GLY A 1073 -41.01 -12.21 8.20
C GLY A 1073 -40.64 -11.15 7.17
N PHE A 1074 -39.44 -11.23 6.61
CA PHE A 1074 -38.91 -10.18 5.73
C PHE A 1074 -39.82 -10.00 4.60
N THR A 1075 -39.68 -8.85 3.94
CA THR A 1075 -40.46 -8.57 2.73
C THR A 1075 -39.60 -8.09 1.56
N THR A 1076 -39.59 -8.94 0.54
CA THR A 1076 -38.60 -8.97 -0.50
C THR A 1076 -39.00 -7.93 -1.53
N ASN A 1077 -38.16 -6.93 -1.73
CA ASN A 1077 -38.54 -5.78 -2.56
C ASN A 1077 -38.45 -5.98 -4.07
N THR A 1078 -39.57 -6.36 -4.69
CA THR A 1078 -39.63 -6.62 -6.13
C THR A 1078 -38.90 -5.58 -6.99
N LYS A 1079 -39.32 -4.33 -6.90
CA LYS A 1079 -38.77 -3.30 -7.78
C LYS A 1079 -37.24 -3.11 -7.67
N LYS A 1080 -36.61 -3.74 -6.69
CA LYS A 1080 -35.17 -3.57 -6.60
C LYS A 1080 -34.44 -4.87 -6.33
N THR A 1081 -35.12 -5.99 -6.58
CA THR A 1081 -34.44 -7.29 -6.71
C THR A 1081 -34.51 -7.80 -8.16
N PHE A 1082 -33.35 -8.13 -8.71
CA PHE A 1082 -33.22 -8.54 -10.10
C PHE A 1082 -32.69 -9.95 -10.27
N SER A 1083 -33.39 -10.72 -11.10
CA SER A 1083 -32.94 -12.07 -11.37
C SER A 1083 -33.06 -12.41 -12.85
N GLU A 1084 -33.09 -11.38 -13.70
CA GLU A 1084 -33.21 -11.62 -15.13
C GLU A 1084 -32.97 -10.42 -16.03
N GLY A 1085 -32.91 -9.23 -15.45
CA GLY A 1085 -32.73 -8.05 -16.27
C GLY A 1085 -31.47 -8.15 -17.09
N PRO A 1086 -31.18 -7.14 -17.92
CA PRO A 1086 -29.79 -6.97 -18.33
C PRO A 1086 -29.11 -6.25 -17.20
N PHE A 1087 -29.82 -6.13 -16.09
CA PHE A 1087 -29.48 -5.21 -15.02
C PHE A 1087 -29.48 -5.86 -13.63
N ARG A 1088 -28.36 -5.66 -12.92
CA ARG A 1088 -28.25 -5.93 -11.49
C ARG A 1088 -27.73 -4.64 -10.83
N GLU A 1089 -27.67 -4.64 -9.50
CA GLU A 1089 -27.13 -3.53 -8.74
C GLU A 1089 -26.82 -4.08 -7.37
N SER A 1090 -25.64 -3.75 -6.87
CA SER A 1090 -25.21 -4.30 -5.59
C SER A 1090 -24.16 -3.41 -4.97
N CYS A 1091 -24.37 -3.01 -3.71
CA CYS A 1091 -23.40 -2.21 -2.98
C CYS A 1091 -22.98 -0.94 -3.69
N GLY A 1092 -23.95 -0.16 -4.17
CA GLY A 1092 -23.73 1.18 -4.68
C GLY A 1092 -23.42 1.28 -6.17
N LYS A 1093 -22.81 0.23 -6.70
CA LYS A 1093 -22.55 0.10 -8.11
C LYS A 1093 -23.79 -0.51 -8.73
N HIS A 1094 -24.19 -0.01 -9.89
CA HIS A 1094 -25.25 -0.64 -10.67
C HIS A 1094 -24.59 -1.15 -11.94
N TYR A 1095 -25.34 -1.78 -12.83
CA TYR A 1095 -24.67 -2.32 -13.99
C TYR A 1095 -25.65 -2.69 -15.06
N TYR A 1096 -25.28 -2.44 -16.32
CA TYR A 1096 -26.09 -2.86 -17.45
C TYR A 1096 -25.20 -3.68 -18.38
N SER A 1097 -25.22 -5.00 -18.24
CA SER A 1097 -24.37 -5.85 -19.04
C SER A 1097 -22.90 -5.39 -19.07
N GLY A 1098 -22.10 -5.72 -18.06
CA GLY A 1098 -20.71 -5.29 -18.03
C GLY A 1098 -20.43 -3.79 -17.87
N VAL A 1099 -21.25 -2.95 -18.50
CA VAL A 1099 -21.06 -1.51 -18.40
C VAL A 1099 -21.52 -0.99 -17.04
N ASP A 1100 -20.74 -0.07 -16.47
CA ASP A 1100 -21.10 0.64 -15.23
C ASP A 1100 -22.19 1.65 -15.55
N VAL A 1101 -23.24 1.67 -14.74
CA VAL A 1101 -24.31 2.62 -14.98
C VAL A 1101 -24.75 3.28 -13.70
N THR A 1102 -23.81 3.33 -12.76
CA THR A 1102 -24.01 4.00 -11.49
C THR A 1102 -24.10 5.50 -11.66
N PRO A 1103 -25.24 6.07 -11.28
CA PRO A 1103 -25.53 7.49 -11.44
C PRO A 1103 -24.84 8.35 -10.38
N PHE A 1104 -25.37 9.56 -10.18
CA PHE A 1104 -25.04 10.36 -9.02
C PHE A 1104 -26.28 11.16 -8.69
N TYR A 1105 -26.36 11.62 -7.44
CA TYR A 1105 -27.52 12.37 -6.98
C TYR A 1105 -27.08 13.77 -6.57
N ILE A 1106 -28.00 14.70 -6.64
CA ILE A 1106 -27.72 16.02 -6.15
C ILE A 1106 -28.59 16.16 -4.94
N ARG A 1107 -28.16 15.48 -3.89
CA ARG A 1107 -28.90 15.36 -2.65
C ARG A 1107 -29.53 16.65 -2.09
N HIS A 1108 -28.74 17.67 -1.78
CA HIS A 1108 -29.32 18.90 -1.22
C HIS A 1108 -29.22 20.11 -2.13
N ARG A 1109 -29.90 21.18 -1.74
CA ARG A 1109 -29.94 22.39 -2.55
C ARG A 1109 -28.56 22.97 -2.54
N ILE A 1110 -28.06 23.30 -3.72
CA ILE A 1110 -26.69 23.70 -3.83
C ILE A 1110 -26.56 25.21 -3.75
N VAL A 1111 -25.79 25.67 -2.78
CA VAL A 1111 -25.68 27.08 -2.52
C VAL A 1111 -24.23 27.45 -2.32
N SER A 1112 -23.44 26.58 -1.71
CA SER A 1112 -22.04 26.92 -1.56
C SER A 1112 -21.28 26.62 -2.83
N PRO A 1113 -20.15 27.29 -3.05
CA PRO A 1113 -19.27 26.96 -4.16
C PRO A 1113 -18.62 25.59 -3.94
N ALA A 1114 -18.47 25.18 -2.69
CA ALA A 1114 -18.11 23.81 -2.40
C ALA A 1114 -19.21 22.87 -2.90
N ASP A 1115 -20.47 23.18 -2.54
CA ASP A 1115 -21.65 22.42 -2.92
C ASP A 1115 -21.78 22.28 -4.41
N LEU A 1116 -21.28 23.26 -5.16
CA LEU A 1116 -21.27 23.15 -6.61
C LEU A 1116 -20.11 22.26 -7.03
N ILE A 1117 -18.90 22.64 -6.66
CA ILE A 1117 -17.74 21.85 -7.06
C ILE A 1117 -17.99 20.35 -6.92
N LEU A 1118 -18.91 19.98 -6.03
CA LEU A 1118 -19.29 18.58 -5.94
C LEU A 1118 -20.02 18.16 -7.20
N VAL A 1119 -21.32 18.46 -7.31
CA VAL A 1119 -22.12 18.15 -8.51
C VAL A 1119 -21.29 18.19 -9.78
N LEU A 1120 -20.62 19.31 -10.02
CA LEU A 1120 -19.67 19.41 -11.12
C LEU A 1120 -18.63 18.29 -11.21
N ASN A 1121 -17.99 17.93 -10.11
CA ASN A 1121 -17.10 16.77 -10.13
C ASN A 1121 -17.79 15.44 -10.28
N ASN A 1122 -18.83 15.20 -9.50
CA ASN A 1122 -19.58 13.99 -9.67
C ASN A 1122 -19.96 13.84 -11.12
N LEU A 1123 -20.38 14.96 -11.71
CA LEU A 1123 -20.70 14.92 -13.12
C LEU A 1123 -19.48 14.48 -13.84
N TYR A 1124 -18.38 15.22 -13.69
CA TYR A 1124 -17.15 14.89 -14.40
C TYR A 1124 -16.82 13.43 -14.35
N ARG A 1125 -16.94 12.80 -13.19
CA ARG A 1125 -16.57 11.39 -13.06
C ARG A 1125 -17.51 10.46 -13.81
N TRP A 1126 -18.78 10.85 -13.92
CA TRP A 1126 -19.81 10.03 -14.52
C TRP A 1126 -19.81 10.09 -16.02
N ALA A 1127 -19.02 11.00 -16.60
CA ALA A 1127 -18.97 11.09 -18.07
C ALA A 1127 -17.56 11.21 -18.63
N THR A 1128 -16.57 11.05 -17.77
CA THR A 1128 -15.22 10.97 -18.21
C THR A 1128 -15.00 9.52 -18.58
N ILE A 1129 -14.24 9.26 -19.65
CA ILE A 1129 -13.65 7.93 -19.84
C ILE A 1129 -12.14 8.08 -19.86
N ASP A 1130 -11.54 8.02 -18.67
CA ASP A 1130 -10.12 8.26 -18.50
C ASP A 1130 -9.63 9.61 -19.03
N GLY A 1131 -10.33 10.68 -18.66
CA GLY A 1131 -9.87 12.02 -19.03
C GLY A 1131 -10.67 12.68 -20.14
N VAL A 1132 -11.08 11.89 -21.13
CA VAL A 1132 -11.84 12.44 -22.25
C VAL A 1132 -13.30 12.65 -21.89
N TRP A 1133 -13.81 13.82 -22.23
CA TRP A 1133 -15.20 14.12 -21.95
C TRP A 1133 -16.09 13.52 -23.01
N ASP A 1134 -17.13 12.81 -22.60
CA ASP A 1134 -18.26 12.64 -23.49
C ASP A 1134 -18.67 14.07 -23.76
N PRO A 1135 -18.82 14.47 -25.02
CA PRO A 1135 -19.10 15.88 -25.29
C PRO A 1135 -20.49 16.33 -24.84
N ARG A 1136 -21.52 15.53 -25.06
CA ARG A 1136 -22.88 15.89 -24.69
C ARG A 1136 -22.97 16.54 -23.31
N ALA A 1137 -22.20 16.02 -22.36
CA ALA A 1137 -22.32 16.46 -20.99
C ALA A 1137 -21.28 17.51 -20.73
N HIS A 1138 -20.20 17.48 -21.49
CA HIS A 1138 -19.19 18.52 -21.36
C HIS A 1138 -19.84 19.88 -21.65
N SER A 1139 -20.91 19.87 -22.45
CA SER A 1139 -21.78 21.04 -22.67
C SER A 1139 -22.30 21.62 -21.37
N VAL A 1140 -23.11 20.85 -20.64
CA VAL A 1140 -23.77 21.32 -19.43
C VAL A 1140 -22.81 21.50 -18.29
N TYR A 1141 -21.67 20.81 -18.30
CA TYR A 1141 -20.60 21.11 -17.35
C TYR A 1141 -20.15 22.55 -17.50
N LEU A 1142 -19.39 22.83 -18.56
CA LEU A 1142 -18.88 24.17 -18.82
C LEU A 1142 -19.84 25.27 -18.46
N LYS A 1143 -21.11 25.11 -18.84
CA LYS A 1143 -22.15 26.11 -18.61
C LYS A 1143 -22.30 26.46 -17.17
N TYR A 1144 -22.23 25.45 -16.31
CA TYR A 1144 -22.39 25.67 -14.90
C TYR A 1144 -21.08 26.01 -14.21
N ARG A 1145 -19.98 25.58 -14.77
CA ARG A 1145 -18.69 26.04 -14.27
C ARG A 1145 -18.71 27.54 -14.09
N LYS A 1146 -19.52 28.22 -14.90
CA LYS A 1146 -19.47 29.68 -14.96
C LYS A 1146 -20.23 30.31 -13.83
N LEU A 1147 -20.92 29.51 -13.05
CA LEU A 1147 -21.66 30.01 -11.92
C LEU A 1147 -20.70 30.30 -10.79
N LEU A 1148 -19.60 29.55 -10.76
CA LEU A 1148 -18.54 29.67 -9.74
C LEU A 1148 -17.69 30.92 -9.88
N PRO A 1149 -17.32 31.52 -8.75
CA PRO A 1149 -16.31 32.58 -8.68
C PRO A 1149 -15.12 32.33 -9.60
N LYS A 1150 -14.82 33.36 -10.38
CA LYS A 1150 -13.67 33.37 -11.28
C LYS A 1150 -12.59 32.40 -10.82
N GLN A 1151 -11.74 32.84 -9.89
CA GLN A 1151 -10.56 32.08 -9.48
C GLN A 1151 -10.82 30.59 -9.30
N LEU A 1152 -12.04 30.24 -8.94
CA LEU A 1152 -12.39 28.86 -8.64
C LEU A 1152 -12.75 28.03 -9.89
N GLN A 1153 -13.16 28.70 -10.95
CA GLN A 1153 -13.35 28.03 -12.21
C GLN A 1153 -12.05 27.43 -12.69
N ARG A 1154 -10.94 27.98 -12.24
CA ARG A 1154 -9.65 27.64 -12.82
C ARG A 1154 -8.77 26.81 -11.89
N ASN A 1155 -9.19 26.68 -10.64
CA ASN A 1155 -8.46 25.91 -9.65
C ASN A 1155 -8.88 24.46 -9.66
N THR A 1156 -8.10 23.62 -10.34
CA THR A 1156 -8.45 22.22 -10.60
C THR A 1156 -7.57 21.20 -9.87
N ILE A 1157 -8.09 19.98 -9.73
CA ILE A 1157 -7.44 18.89 -8.96
C ILE A 1157 -7.37 17.58 -9.79
N PRO A 1158 -6.38 16.72 -9.50
CA PRO A 1158 -6.43 15.37 -10.06
C PRO A 1158 -7.63 14.65 -9.47
N ASP A 1159 -8.15 13.60 -10.09
CA ASP A 1159 -9.23 12.87 -9.42
C ASP A 1159 -8.62 12.02 -8.31
N GLY A 1160 -9.48 11.51 -7.43
CA GLY A 1160 -9.07 10.77 -6.25
C GLY A 1160 -8.44 11.71 -5.26
N TYR A 1161 -8.97 12.94 -5.15
CA TYR A 1161 -8.43 13.89 -4.20
C TYR A 1161 -9.51 14.74 -3.59
N GLY A 1162 -10.76 14.37 -3.78
CA GLY A 1162 -11.81 15.00 -3.01
C GLY A 1162 -12.74 15.85 -3.84
N ASP A 1163 -13.19 16.95 -3.26
CA ASP A 1163 -14.10 17.84 -3.98
C ASP A 1163 -13.90 19.28 -3.48
N GLY A 1164 -12.69 19.55 -3.01
CA GLY A 1164 -12.31 20.88 -2.58
C GLY A 1164 -11.96 21.76 -3.76
N ALA A 1165 -12.14 21.21 -4.96
CA ALA A 1165 -11.95 21.99 -6.17
C ALA A 1165 -12.13 21.17 -7.43
N LEU A 1166 -12.52 21.82 -8.51
CA LEU A 1166 -12.88 21.10 -9.72
C LEU A 1166 -11.80 20.11 -10.11
N VAL A 1167 -12.18 18.87 -10.39
CA VAL A 1167 -11.22 17.91 -10.87
C VAL A 1167 -10.91 18.24 -12.31
N GLY A 1168 -9.63 18.44 -12.63
CA GLY A 1168 -9.17 18.75 -13.97
C GLY A 1168 -7.70 18.40 -14.13
N SER A 1169 -6.96 19.14 -14.95
CA SER A 1169 -5.50 18.92 -15.03
C SER A 1169 -4.72 19.80 -14.08
N VAL A 1170 -4.01 19.17 -13.15
CA VAL A 1170 -3.32 19.89 -12.06
C VAL A 1170 -2.08 20.68 -12.49
N LEU A 1171 -1.62 20.48 -13.71
CA LEU A 1171 -0.49 21.24 -14.22
C LEU A 1171 -0.92 22.64 -14.65
N ILE A 1172 -2.03 22.69 -15.38
CA ILE A 1172 -2.69 23.94 -15.75
C ILE A 1172 -2.98 24.86 -14.56
N ASN A 1173 -3.47 24.28 -13.47
CA ASN A 1173 -3.76 25.03 -12.26
C ASN A 1173 -2.66 26.04 -11.99
N PRO A 1174 -3.03 27.33 -11.92
CA PRO A 1174 -2.15 28.48 -11.74
C PRO A 1174 -1.82 28.75 -10.28
N PHE A 1175 -2.76 28.50 -9.38
CA PHE A 1175 -2.50 28.74 -7.97
C PHE A 1175 -1.82 27.50 -7.48
N ALA A 1176 -1.51 26.61 -8.41
CA ALA A 1176 -0.67 25.48 -8.11
C ALA A 1176 0.72 26.02 -7.80
N LYS A 1177 0.99 26.28 -6.53
CA LYS A 1177 2.30 26.74 -6.14
C LYS A 1177 3.18 25.53 -6.08
N ASN A 1178 4.22 25.49 -6.88
CA ASN A 1178 5.21 24.46 -6.70
C ASN A 1178 6.19 24.89 -5.60
N ARG A 1179 6.54 23.98 -4.70
CA ARG A 1179 7.52 24.31 -3.67
C ARG A 1179 8.38 23.09 -3.37
N GLY A 1180 9.69 23.27 -3.33
CA GLY A 1180 10.61 22.23 -2.92
C GLY A 1180 10.54 20.90 -3.64
N TRP A 1181 10.20 20.93 -4.91
CA TRP A 1181 10.13 19.70 -5.68
C TRP A 1181 8.95 18.86 -5.28
N ILE A 1182 7.95 19.54 -4.73
CA ILE A 1182 6.69 18.91 -4.43
C ILE A 1182 5.55 19.90 -4.70
N ARG A 1183 4.69 19.57 -5.65
CA ARG A 1183 3.59 20.42 -5.99
C ARG A 1183 2.65 20.58 -4.81
N TYR A 1184 2.02 21.73 -4.70
CA TYR A 1184 0.97 21.98 -3.69
C TYR A 1184 -0.17 22.75 -4.34
N VAL A 1185 -1.38 22.22 -4.22
CA VAL A 1185 -2.54 22.86 -4.77
C VAL A 1185 -3.46 23.29 -3.61
N PRO A 1186 -4.36 24.25 -3.83
CA PRO A 1186 -5.28 24.59 -2.75
C PRO A 1186 -6.68 23.98 -2.92
N VAL A 1187 -7.17 23.35 -1.86
CA VAL A 1187 -8.51 22.82 -1.86
C VAL A 1187 -9.34 23.48 -0.77
N ILE A 1188 -10.62 23.74 -1.06
CA ILE A 1188 -11.58 24.15 -0.05
C ILE A 1188 -11.73 23.05 1.01
N THR A 1189 -11.99 23.43 2.25
CA THR A 1189 -12.25 22.48 3.32
C THR A 1189 -13.21 23.11 4.29
N ASP A 1190 -14.06 22.33 4.92
CA ASP A 1190 -15.00 22.88 5.89
C ASP A 1190 -14.25 23.42 7.08
N HIS A 1191 -14.53 24.67 7.44
CA HIS A 1191 -13.75 25.40 8.42
C HIS A 1191 -14.02 24.93 9.83
N THR A 1192 -13.04 25.05 10.72
CA THR A 1192 -13.14 24.47 12.07
C THR A 1192 -12.44 25.28 13.15
N ARG A 1193 -13.06 25.35 14.33
CA ARG A 1193 -12.42 25.99 15.50
C ARG A 1193 -12.07 24.92 16.54
N ASP A 1194 -10.83 24.91 17.00
CA ASP A 1194 -10.36 23.98 18.02
C ASP A 1194 -11.30 23.96 19.24
N ARG A 1195 -11.32 22.86 19.97
CA ARG A 1195 -12.19 22.75 21.13
C ARG A 1195 -11.54 22.00 22.28
N GLU A 1196 -12.12 22.14 23.46
CA GLU A 1196 -11.58 21.48 24.64
C GLU A 1196 -11.86 19.99 24.53
N ARG A 1197 -10.92 19.16 24.98
CA ARG A 1197 -11.11 17.70 25.06
C ARG A 1197 -11.02 17.23 26.50
N ALA A 1198 -11.55 16.05 26.81
CA ALA A 1198 -11.44 15.54 28.16
C ALA A 1198 -10.16 14.76 28.31
N GLU A 1199 -9.28 15.23 29.20
CA GLU A 1199 -7.98 14.60 29.37
C GLU A 1199 -8.04 13.15 29.83
N LEU A 1200 -8.99 12.82 30.69
CA LEU A 1200 -9.25 11.42 31.02
C LEU A 1200 -9.80 10.67 29.81
N GLY A 1201 -11.00 11.05 29.40
CA GLY A 1201 -11.64 10.41 28.27
C GLY A 1201 -10.69 9.96 27.20
N SER A 1202 -9.84 10.87 26.72
CA SER A 1202 -8.88 10.54 25.69
C SER A 1202 -7.80 9.65 26.25
N TYR A 1203 -7.31 9.98 27.44
CA TYR A 1203 -6.25 9.18 28.01
C TYR A 1203 -6.74 7.74 28.18
N LEU A 1204 -8.03 7.60 28.50
CA LEU A 1204 -8.62 6.29 28.70
C LEU A 1204 -8.88 5.65 27.35
N TYR A 1205 -9.35 6.46 26.41
CA TYR A 1205 -9.62 5.96 25.08
C TYR A 1205 -8.31 5.51 24.43
N ASP A 1206 -7.23 6.25 24.68
CA ASP A 1206 -5.90 5.88 24.17
C ASP A 1206 -5.33 4.62 24.81
N LEU A 1207 -5.43 4.49 26.12
CA LEU A 1207 -4.95 3.26 26.73
C LEU A 1207 -5.83 2.07 26.34
N PHE A 1208 -7.15 2.27 26.38
CA PHE A 1208 -8.10 1.21 26.07
C PHE A 1208 -7.93 0.73 24.64
N SER A 1209 -7.63 1.66 23.75
CA SER A 1209 -7.38 1.33 22.37
C SER A 1209 -6.11 0.55 22.24
N ARG A 1210 -5.07 0.97 22.96
CA ARG A 1210 -3.81 0.22 23.02
C ARG A 1210 -4.02 -1.18 23.51
N CYS A 1211 -4.86 -1.36 24.53
CA CYS A 1211 -5.26 -2.71 24.89
C CYS A 1211 -5.98 -3.42 23.70
N LEU A 1212 -6.90 -2.75 23.02
CA LEU A 1212 -7.59 -3.36 21.87
C LEU A 1212 -6.62 -3.93 20.85
N SER A 1213 -5.51 -3.24 20.62
CA SER A 1213 -4.56 -3.64 19.58
C SER A 1213 -3.86 -4.92 19.93
N GLU A 1214 -3.72 -5.20 21.21
CA GLU A 1214 -2.95 -6.36 21.67
C GLU A 1214 -3.69 -7.70 21.66
N SER A 1215 -5.01 -7.68 21.84
CA SER A 1215 -5.80 -8.91 21.68
C SER A 1215 -6.31 -9.13 20.25
N ASN A 1216 -5.82 -8.32 19.31
CA ASN A 1216 -6.04 -8.51 17.88
C ASN A 1216 -4.72 -8.66 17.10
N ALA A 1234 8.25 -0.89 -0.03
CA ALA A 1234 6.81 -1.10 0.05
C ALA A 1234 6.41 -1.59 1.43
N ILE A 1235 7.12 -2.61 1.91
CA ILE A 1235 6.81 -3.28 3.17
C ILE A 1235 7.35 -2.51 4.41
N ASP A 1236 7.21 -1.18 4.39
CA ASP A 1236 7.81 -0.35 5.44
C ASP A 1236 6.84 0.64 6.07
N GLN A 1237 5.54 0.47 5.81
CA GLN A 1237 4.52 1.31 6.44
C GLN A 1237 4.37 0.96 7.94
N LEU A 1238 5.27 0.11 8.44
CA LEU A 1238 5.30 -0.19 9.87
C LEU A 1238 5.97 0.96 10.62
N ILE A 1239 6.21 2.04 9.91
CA ILE A 1239 6.72 3.27 10.49
C ILE A 1239 5.61 4.33 10.48
N CYS A 1240 4.38 3.91 10.82
CA CYS A 1240 3.20 4.78 10.77
C CYS A 1240 2.12 4.43 11.81
N ARG A 1241 2.07 5.18 12.91
CA ARG A 1241 1.08 4.91 13.96
C ARG A 1241 -0.23 5.68 13.72
N SER A 1242 -1.19 5.52 14.62
CA SER A 1242 -2.45 6.27 14.57
C SER A 1242 -2.43 7.41 15.57
N ASN A 1243 -3.01 8.56 15.19
CA ASN A 1243 -2.77 9.83 15.88
C ASN A 1243 -3.71 10.17 17.07
N PRO A 1244 -3.39 11.25 17.82
CA PRO A 1244 -4.03 11.58 19.10
C PRO A 1244 -5.46 12.08 19.00
N THR A 1245 -6.02 12.47 20.15
CA THR A 1245 -7.38 12.94 20.18
C THR A 1245 -7.45 14.45 20.30
N LYS A 1246 -8.07 15.08 19.31
CA LYS A 1246 -8.28 16.53 19.28
C LYS A 1246 -9.67 16.72 18.72
N ILE A 1247 -10.44 17.63 19.33
CA ILE A 1247 -11.85 17.80 18.96
C ILE A 1247 -12.14 19.15 18.32
N SER A 1248 -13.22 19.22 17.54
CA SER A 1248 -13.65 20.49 16.99
C SER A 1248 -15.06 20.43 16.41
N ARG A 1249 -15.80 21.50 16.65
CA ARG A 1249 -17.12 21.65 16.07
C ARG A 1249 -16.95 22.35 14.73
N SER A 1250 -17.70 21.89 13.74
CA SER A 1250 -17.70 22.52 12.42
C SER A 1250 -18.35 23.89 12.56
N THR A 1251 -17.80 24.89 11.89
CA THR A 1251 -18.41 26.21 11.80
C THR A 1251 -19.13 26.28 10.45
N GLY A 1252 -19.81 27.40 10.17
CA GLY A 1252 -20.53 27.50 8.90
C GLY A 1252 -19.66 27.85 7.71
N LYS A 1253 -18.41 28.22 7.99
CA LYS A 1253 -17.52 28.79 6.99
C LYS A 1253 -16.65 27.74 6.28
N PHE A 1254 -15.96 28.16 5.22
CA PHE A 1254 -15.00 27.30 4.54
C PHE A 1254 -13.63 27.91 4.62
N ASP A 1255 -12.64 27.08 4.37
CA ASP A 1255 -11.27 27.47 4.54
C ASP A 1255 -10.43 26.81 3.46
N ILE A 1256 -9.40 27.51 2.97
CA ILE A 1256 -8.61 27.03 1.86
C ILE A 1256 -7.39 26.30 2.36
N GLN A 1257 -7.25 25.04 1.99
CA GLN A 1257 -6.20 24.22 2.56
C GLN A 1257 -5.25 23.81 1.47
N TYR A 1258 -3.97 24.02 1.71
CA TYR A 1258 -3.00 23.65 0.71
C TYR A 1258 -2.58 22.23 0.95
N ILE A 1259 -2.74 21.37 -0.07
CA ILE A 1259 -2.43 19.93 0.04
C ILE A 1259 -1.37 19.49 -0.95
N ALA A 1260 -0.76 18.35 -0.67
CA ALA A 1260 0.31 17.83 -1.51
C ALA A 1260 -0.22 17.19 -2.78
N CYS A 1261 0.64 16.96 -3.77
CA CYS A 1261 0.18 16.55 -5.10
C CYS A 1261 1.20 15.95 -6.05
N SER A 1262 0.76 14.92 -6.75
CA SER A 1262 1.50 14.32 -7.85
C SER A 1262 1.09 14.93 -9.20
N SER A 1263 1.65 14.39 -10.29
CA SER A 1263 1.44 14.93 -11.65
C SER A 1263 0.33 14.21 -12.44
N ARG A 1264 -0.40 13.33 -11.74
CA ARG A 1264 -1.50 12.56 -12.33
C ARG A 1264 -2.20 11.66 -11.30
CA CA D . -33.81 -1.12 1.18
CA CA E . -30.27 -3.63 -0.93
#